data_3K7S
#
_entry.id   3K7S
#
_cell.length_a   92.302
_cell.length_b   92.302
_cell.length_c   93.584
_cell.angle_alpha   90.00
_cell.angle_beta   90.00
_cell.angle_gamma   90.00
#
_symmetry.space_group_name_H-M   'P 21 21 2'
#
loop_
_entity.id
_entity.type
_entity.pdbx_description
1 polymer 'Ribose 5-phosphate isomerase'
2 non-polymer RIBOSE-5-PHOSPHATE
3 water water
#
_entity_poly.entity_id   1
_entity_poly.type   'polypeptide(L)'
_entity_poly.pdbx_seq_one_letter_code
;MGSSHHHHHHSSGLVPRGSHMTRRVAIGTDHPAFAIHENLILYVKEAGDEFVPVYCGPKTAESVDYPDFASRVAEMVARK
EVEFGVLACGSGIGMSIAANKVPGVRAALCHDHYTAAMSRIHNDANIVCVGERTTGVEVIREIIITFLQTPFSGEERHVR
RIEKIRAIEASHAGKKGVQ
;
_entity_poly.pdbx_strand_id   A,B,C,D
#
loop_
_chem_comp.id
_chem_comp.type
_chem_comp.name
_chem_comp.formula
R5P saccharide RIBOSE-5-PHOSPHATE 'C5 H11 O8 P'
#
# COMPACT_ATOMS: atom_id res chain seq x y z
N MET A 21 5.90 19.41 -29.90
CA MET A 21 6.77 18.40 -29.25
C MET A 21 6.51 18.23 -27.75
N THR A 22 5.61 19.02 -27.17
CA THR A 22 5.17 18.75 -25.80
C THR A 22 4.22 17.54 -25.76
N ARG A 23 3.98 17.03 -24.55
CA ARG A 23 3.26 15.77 -24.37
C ARG A 23 2.00 16.05 -23.58
N ARG A 24 0.85 15.89 -24.24
CA ARG A 24 -0.44 16.23 -23.64
C ARG A 24 -0.91 15.11 -22.73
N VAL A 25 -1.38 15.50 -21.55
CA VAL A 25 -1.85 14.56 -20.55
C VAL A 25 -3.26 14.94 -20.12
N ALA A 26 -4.24 14.15 -20.56
CA ALA A 26 -5.63 14.39 -20.19
C ALA A 26 -5.88 13.93 -18.77
N ILE A 27 -6.66 14.71 -18.02
CA ILE A 27 -6.95 14.42 -16.60
C ILE A 27 -8.45 14.37 -16.40
N GLY A 28 -8.94 13.27 -15.82
CA GLY A 28 -10.34 13.15 -15.45
C GLY A 28 -10.49 12.65 -14.04
N THR A 29 -11.58 13.02 -13.40
CA THR A 29 -11.94 12.52 -12.08
C THR A 29 -13.46 12.32 -12.01
N ASP A 30 -13.91 11.68 -10.93
CA ASP A 30 -15.30 11.81 -10.54
C ASP A 30 -15.35 12.73 -9.30
N HIS A 31 -16.44 12.70 -8.55
CA HIS A 31 -16.65 13.65 -7.44
C HIS A 31 -15.67 13.55 -6.25
N PRO A 32 -15.40 12.34 -5.71
CA PRO A 32 -14.46 12.36 -4.56
C PRO A 32 -13.06 12.85 -4.93
N ALA A 33 -12.65 12.64 -6.18
CA ALA A 33 -11.33 13.06 -6.63
C ALA A 33 -11.29 14.50 -7.15
N PHE A 34 -12.44 15.13 -7.31
CA PHE A 34 -12.48 16.55 -7.72
C PHE A 34 -11.72 17.45 -6.73
N ALA A 35 -11.75 17.10 -5.44
CA ALA A 35 -11.03 17.86 -4.42
C ALA A 35 -9.51 17.93 -4.66
N ILE A 36 -8.98 16.99 -5.44
CA ILE A 36 -7.55 16.98 -5.74
C ILE A 36 -7.25 17.25 -7.21
N HIS A 37 -8.22 17.74 -7.97
CA HIS A 37 -8.01 17.93 -9.41
C HIS A 37 -6.92 18.96 -9.70
N GLU A 38 -6.82 20.00 -8.88
CA GLU A 38 -5.75 20.99 -9.00
C GLU A 38 -4.39 20.35 -8.68
N ASN A 39 -4.38 19.47 -7.69
CA ASN A 39 -3.20 18.66 -7.37
C ASN A 39 -2.73 17.90 -8.60
N LEU A 40 -3.66 17.20 -9.24
CA LEU A 40 -3.34 16.36 -10.39
C LEU A 40 -2.72 17.19 -11.52
N ILE A 41 -3.32 18.36 -11.79
CA ILE A 41 -2.79 19.29 -12.79
C ILE A 41 -1.36 19.68 -12.44
N LEU A 42 -1.16 20.08 -11.18
CA LEU A 42 0.17 20.45 -10.69
C LEU A 42 1.18 19.30 -10.82
N TYR A 43 0.77 18.09 -10.44
CA TYR A 43 1.71 16.95 -10.46
C TYR A 43 2.16 16.61 -11.87
N VAL A 44 1.24 16.71 -12.84
CA VAL A 44 1.60 16.54 -14.25
C VAL A 44 2.67 17.57 -14.66
N LYS A 45 2.45 18.83 -14.29
CA LYS A 45 3.43 19.89 -14.56
C LYS A 45 4.78 19.61 -13.90
N GLU A 46 4.73 19.08 -12.67
CA GLU A 46 5.95 18.75 -11.93
C GLU A 46 6.77 17.66 -12.60
N ALA A 47 6.12 16.79 -13.38
CA ALA A 47 6.84 15.76 -14.12
C ALA A 47 7.82 16.34 -15.14
N GLY A 48 7.59 17.59 -15.55
CA GLY A 48 8.48 18.27 -16.48
C GLY A 48 7.73 19.26 -17.35
N ASP A 49 8.44 20.29 -17.82
CA ASP A 49 7.86 21.31 -18.69
C ASP A 49 7.34 20.76 -20.03
N GLU A 50 7.80 19.58 -20.42
CA GLU A 50 7.30 18.96 -21.65
C GLU A 50 5.90 18.34 -21.50
N PHE A 51 5.42 18.19 -20.25
CA PHE A 51 4.09 17.63 -20.03
C PHE A 51 3.05 18.71 -19.84
N VAL A 52 1.98 18.62 -20.63
CA VAL A 52 0.92 19.63 -20.62
C VAL A 52 -0.38 19.00 -20.12
N PRO A 53 -0.85 19.42 -18.93
CA PRO A 53 -2.11 18.90 -18.43
C PRO A 53 -3.28 19.43 -19.24
N VAL A 54 -4.23 18.55 -19.54
CA VAL A 54 -5.46 18.90 -20.23
C VAL A 54 -6.59 18.44 -19.32
N TYR A 55 -7.11 19.35 -18.50
CA TYR A 55 -8.12 18.96 -17.54
C TYR A 55 -9.48 18.81 -18.19
N CYS A 56 -10.07 17.62 -18.01
N CYS A 56 -10.07 17.62 -18.09
CA CYS A 56 -11.34 17.25 -18.63
CA CYS A 56 -11.42 17.42 -18.61
C CYS A 56 -12.39 16.78 -17.63
C CYS A 56 -12.29 16.63 -17.63
N GLY A 57 -12.04 16.84 -16.34
CA GLY A 57 -12.89 16.30 -15.28
C GLY A 57 -14.01 17.29 -14.96
N PRO A 58 -14.79 17.00 -13.92
CA PRO A 58 -15.91 17.89 -13.58
C PRO A 58 -15.44 19.28 -13.16
N LYS A 59 -16.31 20.27 -13.30
CA LYS A 59 -16.00 21.64 -12.89
C LYS A 59 -16.43 21.90 -11.45
N THR A 60 -17.22 20.99 -10.89
CA THR A 60 -17.72 21.12 -9.52
C THR A 60 -17.63 19.79 -8.77
N ALA A 61 -17.89 19.84 -7.46
CA ALA A 61 -17.89 18.65 -6.60
C ALA A 61 -19.18 17.83 -6.69
N GLU A 62 -20.07 18.24 -7.58
N GLU A 62 -20.10 18.26 -7.54
CA GLU A 62 -21.33 17.54 -7.84
CA GLU A 62 -21.37 17.54 -7.73
C GLU A 62 -21.07 16.06 -8.12
C GLU A 62 -21.13 16.09 -8.14
N SER A 63 -21.95 15.20 -7.61
CA SER A 63 -21.87 13.77 -7.89
C SER A 63 -21.93 13.52 -9.40
N VAL A 64 -20.96 12.77 -9.91
CA VAL A 64 -20.94 12.37 -11.32
C VAL A 64 -20.71 10.86 -11.42
N ASP A 65 -20.89 10.32 -12.61
CA ASP A 65 -20.65 8.91 -12.85
C ASP A 65 -19.28 8.72 -13.48
N TYR A 66 -18.38 8.03 -12.77
CA TYR A 66 -16.99 7.88 -13.21
C TYR A 66 -16.81 7.37 -14.66
N PRO A 67 -17.67 6.43 -15.14
CA PRO A 67 -17.45 5.96 -16.51
C PRO A 67 -17.49 7.07 -17.57
N ASP A 68 -18.31 8.09 -17.37
CA ASP A 68 -18.40 9.23 -18.30
C ASP A 68 -17.06 9.95 -18.43
N PHE A 69 -16.37 10.12 -17.32
CA PHE A 69 -15.08 10.84 -17.33
C PHE A 69 -13.91 9.94 -17.72
N ALA A 70 -14.00 8.67 -17.34
CA ALA A 70 -13.07 7.66 -17.84
C ALA A 70 -13.13 7.59 -19.36
N SER A 71 -14.34 7.57 -19.89
CA SER A 71 -14.56 7.48 -21.34
C SER A 71 -13.98 8.68 -22.08
N ARG A 72 -14.22 9.89 -21.56
N ARG A 72 -14.23 9.87 -21.55
CA ARG A 72 -13.72 11.10 -22.20
CA ARG A 72 -13.74 11.13 -22.11
C ARG A 72 -12.19 11.09 -22.31
C ARG A 72 -12.22 11.12 -22.29
N VAL A 73 -11.52 10.75 -21.21
CA VAL A 73 -10.07 10.68 -21.20
C VAL A 73 -9.57 9.53 -22.06
N ALA A 74 -10.17 8.36 -21.90
CA ALA A 74 -9.78 7.17 -22.66
C ALA A 74 -9.92 7.38 -24.17
N GLU A 75 -11.01 8.02 -24.59
CA GLU A 75 -11.24 8.32 -26.01
C GLU A 75 -10.18 9.27 -26.55
N MET A 76 -9.82 10.28 -25.77
CA MET A 76 -8.74 11.19 -26.14
C MET A 76 -7.41 10.47 -26.35
N VAL A 77 -7.11 9.54 -25.46
CA VAL A 77 -5.91 8.73 -25.56
C VAL A 77 -5.99 7.81 -26.78
N ALA A 78 -7.11 7.12 -26.94
CA ALA A 78 -7.31 6.19 -28.06
C ALA A 78 -7.25 6.89 -29.42
N ARG A 79 -7.85 8.07 -29.52
N ARG A 79 -7.86 8.07 -29.52
CA ARG A 79 -7.82 8.85 -30.77
CA ARG A 79 -7.85 8.89 -30.73
C ARG A 79 -6.50 9.57 -30.96
C ARG A 79 -6.48 9.53 -30.98
N LYS A 80 -5.59 9.40 -29.99
CA LYS A 80 -4.25 10.02 -30.01
C LYS A 80 -4.24 11.55 -29.89
N GLU A 81 -5.34 12.13 -29.42
CA GLU A 81 -5.40 13.57 -29.15
C GLU A 81 -4.42 13.99 -28.05
N VAL A 82 -4.23 13.08 -27.09
CA VAL A 82 -3.22 13.25 -26.03
C VAL A 82 -2.37 11.98 -25.98
N GLU A 83 -1.18 12.07 -25.37
CA GLU A 83 -0.35 10.89 -25.22
C GLU A 83 -0.74 10.04 -24.01
N PHE A 84 -1.05 10.71 -22.91
CA PHE A 84 -1.31 10.03 -21.63
C PHE A 84 -2.62 10.50 -21.03
N GLY A 85 -3.16 9.68 -20.13
CA GLY A 85 -4.31 10.05 -19.32
C GLY A 85 -4.03 9.83 -17.84
N VAL A 86 -4.63 10.68 -17.02
CA VAL A 86 -4.62 10.49 -15.58
C VAL A 86 -6.07 10.45 -15.11
N LEU A 87 -6.45 9.37 -14.43
CA LEU A 87 -7.80 9.20 -13.94
C LEU A 87 -7.81 8.93 -12.43
N ALA A 88 -8.68 9.65 -11.73
CA ALA A 88 -8.83 9.48 -10.30
C ALA A 88 -10.28 9.30 -9.92
N CYS A 89 -10.55 8.25 -9.15
CA CYS A 89 -11.83 8.10 -8.46
C CYS A 89 -11.54 7.74 -7.01
N GLY A 90 -12.55 7.30 -6.27
CA GLY A 90 -12.38 6.92 -4.88
C GLY A 90 -11.28 5.89 -4.69
N SER A 91 -11.35 4.80 -5.45
CA SER A 91 -10.41 3.69 -5.30
C SER A 91 -9.46 3.54 -6.50
N GLY A 92 -9.82 4.17 -7.61
CA GLY A 92 -9.13 3.99 -8.87
C GLY A 92 -9.66 2.82 -9.69
N ILE A 93 -10.45 1.96 -9.04
CA ILE A 93 -10.87 0.69 -9.64
C ILE A 93 -11.83 0.93 -10.80
N GLY A 94 -12.86 1.73 -10.53
CA GLY A 94 -13.86 2.09 -11.54
C GLY A 94 -13.23 2.74 -12.77
N MET A 95 -12.33 3.68 -12.54
CA MET A 95 -11.59 4.32 -13.64
C MET A 95 -10.80 3.32 -14.47
N SER A 96 -10.14 2.38 -13.79
N SER A 96 -10.15 2.37 -13.82
CA SER A 96 -9.33 1.34 -14.43
CA SER A 96 -9.33 1.38 -14.52
C SER A 96 -10.18 0.46 -15.35
C SER A 96 -10.16 0.42 -15.35
N ILE A 97 -11.32 0.00 -14.83
CA ILE A 97 -12.22 -0.89 -15.57
C ILE A 97 -12.80 -0.18 -16.79
N ALA A 98 -13.41 0.99 -16.55
CA ALA A 98 -14.05 1.75 -17.61
C ALA A 98 -13.09 2.20 -18.72
N ALA A 99 -11.91 2.71 -18.34
CA ALA A 99 -10.94 3.17 -19.34
C ALA A 99 -10.42 2.04 -20.23
N ASN A 100 -10.20 0.87 -19.63
CA ASN A 100 -9.72 -0.30 -20.37
C ASN A 100 -10.74 -0.86 -21.36
N LYS A 101 -12.00 -0.45 -21.23
CA LYS A 101 -13.04 -0.80 -22.19
C LYS A 101 -12.88 -0.12 -23.55
N VAL A 102 -12.06 0.94 -23.60
CA VAL A 102 -11.79 1.63 -24.87
C VAL A 102 -10.58 0.96 -25.55
N PRO A 103 -10.76 0.48 -26.79
CA PRO A 103 -9.66 -0.13 -27.53
C PRO A 103 -8.48 0.83 -27.68
N GLY A 104 -7.27 0.30 -27.50
CA GLY A 104 -6.05 1.10 -27.59
C GLY A 104 -5.61 1.69 -26.25
N VAL A 105 -6.46 1.58 -25.24
CA VAL A 105 -6.14 2.07 -23.89
C VAL A 105 -5.52 0.94 -23.06
N ARG A 106 -4.44 1.28 -22.35
CA ARG A 106 -3.89 0.39 -21.34
C ARG A 106 -3.82 1.19 -20.06
N ALA A 107 -4.85 1.02 -19.24
CA ALA A 107 -5.01 1.83 -18.03
C ALA A 107 -4.56 1.02 -16.82
N ALA A 108 -3.60 1.58 -16.09
CA ALA A 108 -3.00 0.90 -14.95
C ALA A 108 -3.39 1.57 -13.65
N LEU A 109 -4.11 0.83 -12.81
CA LEU A 109 -4.37 1.26 -11.44
C LEU A 109 -3.08 1.10 -10.62
N CYS A 110 -2.52 2.22 -10.19
CA CYS A 110 -1.27 2.23 -9.45
C CYS A 110 -1.50 2.71 -8.02
N HIS A 111 -0.74 2.14 -7.09
CA HIS A 111 -0.86 2.46 -5.67
C HIS A 111 0.48 2.87 -5.07
N ASP A 112 1.54 2.80 -5.89
CA ASP A 112 2.87 3.19 -5.43
C ASP A 112 3.80 3.47 -6.59
N HIS A 113 5.04 3.84 -6.26
CA HIS A 113 6.10 4.11 -7.23
C HIS A 113 6.36 2.88 -8.10
N TYR A 114 6.44 1.71 -7.46
CA TYR A 114 6.77 0.49 -8.17
C TYR A 114 5.74 0.16 -9.25
N THR A 115 4.46 0.15 -8.89
CA THR A 115 3.42 -0.12 -9.90
C THR A 115 3.40 0.95 -10.98
N ALA A 116 3.59 2.22 -10.60
CA ALA A 116 3.68 3.32 -11.57
C ALA A 116 4.81 3.09 -12.58
N ALA A 117 6.01 2.78 -12.08
CA ALA A 117 7.15 2.53 -12.96
C ALA A 117 6.93 1.31 -13.86
N MET A 118 6.52 0.19 -13.25
CA MET A 118 6.36 -1.07 -14.00
C MET A 118 5.23 -1.03 -15.03
N SER A 119 4.17 -0.26 -14.75
CA SER A 119 3.07 -0.10 -15.72
C SER A 119 3.60 0.47 -17.04
N ARG A 120 4.62 1.31 -16.94
CA ARG A 120 5.27 1.89 -18.11
C ARG A 120 6.29 0.91 -18.69
N ILE A 121 7.24 0.46 -17.86
CA ILE A 121 8.33 -0.42 -18.30
C ILE A 121 7.81 -1.70 -18.95
N HIS A 122 6.80 -2.32 -18.33
CA HIS A 122 6.30 -3.60 -18.81
C HIS A 122 5.06 -3.48 -19.70
N ASN A 123 4.09 -2.67 -19.27
CA ASN A 123 2.79 -2.66 -19.92
C ASN A 123 2.61 -1.52 -20.94
N ASP A 124 3.63 -0.68 -21.08
CA ASP A 124 3.53 0.58 -21.86
C ASP A 124 2.20 1.29 -21.60
N ALA A 125 1.78 1.34 -20.33
CA ALA A 125 0.50 1.92 -19.98
C ALA A 125 0.39 3.36 -20.46
N ASN A 126 -0.78 3.73 -20.96
CA ASN A 126 -1.01 5.11 -21.41
C ASN A 126 -1.96 5.89 -20.50
N ILE A 127 -2.63 5.20 -19.58
CA ILE A 127 -3.43 5.87 -18.57
C ILE A 127 -3.06 5.35 -17.17
N VAL A 128 -2.83 6.28 -16.24
CA VAL A 128 -2.61 5.93 -14.83
C VAL A 128 -3.88 6.24 -14.05
N CYS A 129 -4.32 5.28 -13.26
CA CYS A 129 -5.51 5.46 -12.41
C CYS A 129 -5.10 5.40 -10.94
N VAL A 130 -5.66 6.29 -10.15
CA VAL A 130 -5.37 6.36 -8.72
C VAL A 130 -6.65 6.52 -7.91
N GLY A 131 -6.58 6.14 -6.64
CA GLY A 131 -7.70 6.30 -5.73
C GLY A 131 -7.47 7.43 -4.74
N GLU A 132 -8.36 8.42 -4.77
CA GLU A 132 -8.27 9.55 -3.86
C GLU A 132 -8.55 9.16 -2.40
N ARG A 133 -9.41 8.17 -2.21
N ARG A 133 -9.40 8.17 -2.20
CA ARG A 133 -9.80 7.71 -0.87
CA ARG A 133 -9.78 7.73 -0.86
C ARG A 133 -8.83 6.68 -0.31
C ARG A 133 -8.81 6.69 -0.29
N THR A 134 -7.97 6.13 -1.16
CA THR A 134 -7.04 5.06 -0.76
C THR A 134 -5.57 5.48 -0.65
N THR A 135 -5.15 6.34 -1.58
CA THR A 135 -3.74 6.71 -1.71
C THR A 135 -3.56 8.18 -1.34
N GLY A 136 -2.65 8.46 -0.40
CA GLY A 136 -2.39 9.83 0.03
C GLY A 136 -1.85 10.66 -1.13
N VAL A 137 -2.04 11.97 -1.09
CA VAL A 137 -1.74 12.81 -2.25
C VAL A 137 -0.27 12.87 -2.63
N GLU A 138 0.64 12.75 -1.66
CA GLU A 138 2.06 12.79 -1.98
C GLU A 138 2.51 11.50 -2.67
N VAL A 139 1.84 10.40 -2.37
CA VAL A 139 2.07 9.17 -3.13
C VAL A 139 1.44 9.28 -4.52
N ILE A 140 0.24 9.88 -4.60
CA ILE A 140 -0.35 10.14 -5.90
C ILE A 140 0.59 11.00 -6.76
N ARG A 141 1.16 12.04 -6.16
CA ARG A 141 2.16 12.87 -6.82
C ARG A 141 3.31 12.03 -7.39
N GLU A 142 3.89 11.18 -6.54
CA GLU A 142 4.99 10.32 -6.94
C GLU A 142 4.57 9.37 -8.07
N ILE A 143 3.35 8.84 -7.96
CA ILE A 143 2.82 7.93 -8.97
C ILE A 143 2.73 8.63 -10.34
N ILE A 144 2.18 9.84 -10.35
CA ILE A 144 1.98 10.55 -11.62
C ILE A 144 3.33 10.92 -12.24
N ILE A 145 4.23 11.49 -11.44
CA ILE A 145 5.56 11.85 -11.92
C ILE A 145 6.30 10.62 -12.45
N THR A 146 6.27 9.54 -11.69
CA THR A 146 6.94 8.30 -12.09
C THR A 146 6.34 7.73 -13.39
N PHE A 147 5.01 7.72 -13.47
CA PHE A 147 4.29 7.24 -14.64
C PHE A 147 4.73 8.01 -15.89
N LEU A 148 4.73 9.33 -15.79
CA LEU A 148 5.04 10.17 -16.94
C LEU A 148 6.51 10.12 -17.33
N GLN A 149 7.40 10.07 -16.33
CA GLN A 149 8.85 10.09 -16.59
C GLN A 149 9.48 8.76 -17.02
N THR A 150 8.83 7.64 -16.69
CA THR A 150 9.40 6.31 -16.93
C THR A 150 9.06 5.82 -18.35
N PRO A 151 10.09 5.54 -19.17
CA PRO A 151 9.82 5.08 -20.54
C PRO A 151 9.43 3.61 -20.58
N PHE A 152 8.74 3.23 -21.65
CA PHE A 152 8.51 1.83 -21.97
C PHE A 152 9.83 1.18 -22.37
N SER A 153 10.07 -0.04 -21.86
CA SER A 153 11.34 -0.74 -22.09
C SER A 153 11.57 -1.10 -23.56
N GLY A 154 10.49 -1.39 -24.28
CA GLY A 154 10.55 -1.79 -25.68
C GLY A 154 10.97 -3.24 -25.89
N GLU A 155 11.18 -3.96 -24.79
CA GLU A 155 11.71 -5.32 -24.85
C GLU A 155 10.72 -6.30 -25.47
N GLU A 156 11.30 -7.29 -26.15
CA GLU A 156 10.56 -8.19 -27.02
C GLU A 156 9.35 -8.85 -26.37
N ARG A 157 9.54 -9.42 -25.19
CA ARG A 157 8.45 -10.12 -24.51
C ARG A 157 7.27 -9.18 -24.18
N HIS A 158 7.59 -7.94 -23.78
CA HIS A 158 6.55 -6.96 -23.46
C HIS A 158 5.77 -6.54 -24.69
N VAL A 159 6.47 -6.28 -25.79
CA VAL A 159 5.82 -5.94 -27.06
C VAL A 159 4.87 -7.07 -27.51
N ARG A 160 5.32 -8.32 -27.42
CA ARG A 160 4.47 -9.47 -27.76
C ARG A 160 3.21 -9.53 -26.89
N ARG A 161 3.39 -9.36 -25.58
CA ARG A 161 2.29 -9.39 -24.64
C ARG A 161 1.30 -8.25 -24.87
N ILE A 162 1.82 -7.06 -25.14
CA ILE A 162 0.96 -5.91 -25.46
C ILE A 162 0.17 -6.17 -26.75
N GLU A 163 0.84 -6.79 -27.73
CA GLU A 163 0.18 -7.19 -28.97
C GLU A 163 -0.94 -8.18 -28.69
N LYS A 164 -0.73 -9.09 -27.74
CA LYS A 164 -1.75 -10.05 -27.36
C LYS A 164 -2.98 -9.41 -26.72
N ILE A 165 -2.77 -8.31 -25.98
CA ILE A 165 -3.89 -7.52 -25.46
C ILE A 165 -4.68 -6.89 -26.63
N ARG A 166 -3.95 -6.37 -27.61
CA ARG A 166 -4.55 -5.82 -28.83
C ARG A 166 -5.36 -6.89 -29.58
N ALA A 167 -4.86 -8.12 -29.61
CA ALA A 167 -5.58 -9.23 -30.24
C ALA A 167 -6.89 -9.53 -29.52
N ILE A 168 -6.87 -9.46 -28.19
CA ILE A 168 -8.10 -9.62 -27.39
C ILE A 168 -9.14 -8.57 -27.78
N GLU A 169 -8.70 -7.32 -27.89
CA GLU A 169 -9.59 -6.23 -28.33
C GLU A 169 -10.17 -6.54 -29.70
N ALA A 170 -9.31 -6.90 -30.64
CA ALA A 170 -9.72 -7.20 -32.02
C ALA A 170 -10.77 -8.30 -32.09
N SER A 171 -10.62 -9.35 -31.27
CA SER A 171 -11.55 -10.47 -31.25
C SER A 171 -12.96 -10.11 -30.76
N HIS A 172 -13.13 -8.90 -30.21
CA HIS A 172 -14.45 -8.44 -29.74
C HIS A 172 -14.99 -7.23 -30.51
N THR B 22 -22.93 -23.73 -5.18
CA THR B 22 -21.53 -23.74 -5.72
C THR B 22 -21.22 -22.45 -6.49
N ARG B 23 -20.13 -21.81 -6.10
CA ARG B 23 -19.69 -20.58 -6.73
C ARG B 23 -18.28 -20.84 -7.24
N ARG B 24 -18.16 -21.00 -8.56
CA ARG B 24 -16.88 -21.40 -9.14
C ARG B 24 -15.99 -20.19 -9.37
N VAL B 25 -14.70 -20.39 -9.14
CA VAL B 25 -13.71 -19.33 -9.22
C VAL B 25 -12.56 -19.79 -10.08
N ALA B 26 -12.49 -19.30 -11.31
CA ALA B 26 -11.38 -19.63 -12.21
C ALA B 26 -10.12 -18.86 -11.80
N ILE B 27 -8.99 -19.54 -11.79
CA ILE B 27 -7.72 -18.96 -11.36
C ILE B 27 -6.72 -19.01 -12.52
N GLY B 28 -6.06 -17.88 -12.76
CA GLY B 28 -5.01 -17.81 -13.77
C GLY B 28 -3.82 -17.01 -13.26
N THR B 29 -2.64 -17.42 -13.69
CA THR B 29 -1.41 -16.69 -13.38
C THR B 29 -0.52 -16.65 -14.61
N ASP B 30 0.55 -15.86 -14.54
CA ASP B 30 1.69 -16.10 -15.40
C ASP B 30 2.82 -16.66 -14.54
N HIS B 31 4.05 -16.64 -15.06
CA HIS B 31 5.18 -17.31 -14.41
C HIS B 31 5.58 -16.82 -13.00
N PRO B 32 5.69 -15.49 -12.77
CA PRO B 32 6.06 -15.13 -11.39
C PRO B 32 5.03 -15.59 -10.35
N ALA B 33 3.76 -15.65 -10.74
CA ALA B 33 2.70 -16.03 -9.81
C ALA B 33 2.46 -17.55 -9.73
N PHE B 34 3.10 -18.31 -10.62
CA PHE B 34 2.98 -19.77 -10.57
C PHE B 34 3.41 -20.34 -9.22
N ALA B 35 4.43 -19.73 -8.62
CA ALA B 35 4.96 -20.16 -7.33
C ALA B 35 3.89 -20.15 -6.23
N ILE B 36 2.90 -19.27 -6.37
CA ILE B 36 1.84 -19.15 -5.39
C ILE B 36 0.47 -19.65 -5.89
N HIS B 37 0.47 -20.41 -6.99
CA HIS B 37 -0.81 -20.87 -7.55
C HIS B 37 -1.55 -21.81 -6.58
N GLU B 38 -0.80 -22.61 -5.84
CA GLU B 38 -1.41 -23.48 -4.82
C GLU B 38 -1.95 -22.67 -3.63
N ASN B 39 -1.30 -21.55 -3.32
CA ASN B 39 -1.79 -20.60 -2.34
C ASN B 39 -3.15 -20.08 -2.77
N LEU B 40 -3.24 -19.64 -4.02
CA LEU B 40 -4.45 -19.04 -4.56
C LEU B 40 -5.62 -20.02 -4.51
N ILE B 41 -5.35 -21.28 -4.86
CA ILE B 41 -6.36 -22.35 -4.76
C ILE B 41 -6.84 -22.49 -3.33
N LEU B 42 -5.89 -22.52 -2.38
CA LEU B 42 -6.20 -22.63 -0.96
C LEU B 42 -7.02 -21.44 -0.45
N TYR B 43 -6.65 -20.22 -0.86
CA TYR B 43 -7.32 -19.01 -0.37
C TYR B 43 -8.77 -18.96 -0.85
N VAL B 44 -9.01 -19.41 -2.08
CA VAL B 44 -10.37 -19.50 -2.60
C VAL B 44 -11.21 -20.43 -1.72
N LYS B 45 -10.68 -21.62 -1.44
CA LYS B 45 -11.35 -22.58 -0.56
C LYS B 45 -11.59 -22.02 0.84
N GLU B 46 -10.63 -21.25 1.34
CA GLU B 46 -10.73 -20.64 2.66
C GLU B 46 -11.88 -19.64 2.79
N ALA B 47 -12.31 -19.07 1.66
CA ALA B 47 -13.43 -18.13 1.64
C ALA B 47 -14.77 -18.82 2.00
N GLY B 48 -14.82 -20.14 1.84
CA GLY B 48 -16.02 -20.90 2.20
C GLY B 48 -16.14 -22.16 1.37
N ASP B 49 -16.78 -23.18 1.94
CA ASP B 49 -16.97 -24.47 1.29
C ASP B 49 -17.68 -24.36 -0.07
N GLU B 50 -18.52 -23.34 -0.25
CA GLU B 50 -19.23 -23.14 -1.52
C GLU B 50 -18.33 -22.62 -2.65
N PHE B 51 -17.15 -22.09 -2.30
CA PHE B 51 -16.22 -21.59 -3.31
C PHE B 51 -15.34 -22.70 -3.86
N VAL B 52 -15.49 -22.95 -5.15
CA VAL B 52 -14.76 -24.01 -5.83
C VAL B 52 -13.75 -23.41 -6.79
N PRO B 53 -12.45 -23.56 -6.49
CA PRO B 53 -11.41 -23.08 -7.38
C PRO B 53 -11.32 -23.95 -8.63
N VAL B 54 -11.17 -23.29 -9.79
CA VAL B 54 -10.95 -23.97 -11.05
C VAL B 54 -9.63 -23.44 -11.56
N TYR B 55 -8.55 -24.19 -11.36
CA TYR B 55 -7.23 -23.69 -11.74
C TYR B 55 -7.02 -23.79 -13.25
N CYS B 56 -6.79 -22.62 -13.87
CA CYS B 56 -6.61 -22.51 -15.32
C CYS B 56 -5.25 -21.92 -15.69
N GLY B 57 -4.33 -21.87 -14.73
CA GLY B 57 -3.03 -21.26 -14.97
C GLY B 57 -2.02 -22.23 -15.54
N PRO B 58 -0.74 -21.82 -15.61
CA PRO B 58 0.36 -22.64 -16.11
C PRO B 58 0.57 -23.88 -15.24
N LYS B 59 1.06 -24.95 -15.85
CA LYS B 59 1.37 -26.18 -15.12
C LYS B 59 2.83 -26.19 -14.69
N THR B 60 3.63 -25.29 -15.27
CA THR B 60 5.04 -25.19 -14.96
C THR B 60 5.43 -23.74 -14.65
N ALA B 61 6.66 -23.56 -14.17
CA ALA B 61 7.18 -22.25 -13.79
C ALA B 61 7.78 -21.47 -14.96
N GLU B 62 7.83 -22.08 -16.14
CA GLU B 62 8.47 -21.44 -17.28
C GLU B 62 7.67 -20.24 -17.81
N SER B 63 8.40 -19.25 -18.30
CA SER B 63 7.84 -18.00 -18.79
C SER B 63 6.64 -18.19 -19.73
N VAL B 64 5.56 -17.49 -19.43
CA VAL B 64 4.36 -17.47 -20.29
C VAL B 64 3.92 -16.02 -20.49
N ASP B 65 2.91 -15.81 -21.32
CA ASP B 65 2.37 -14.47 -21.55
C ASP B 65 1.07 -14.29 -20.78
N TYR B 66 1.08 -13.35 -19.84
CA TYR B 66 -0.10 -13.09 -19.01
C TYR B 66 -1.43 -12.93 -19.79
N PRO B 67 -1.42 -12.24 -20.96
CA PRO B 67 -2.73 -12.04 -21.61
C PRO B 67 -3.44 -13.35 -22.01
N ASP B 68 -2.66 -14.39 -22.32
CA ASP B 68 -3.21 -15.71 -22.64
C ASP B 68 -4.03 -16.27 -21.48
N PHE B 69 -3.52 -16.10 -20.27
CA PHE B 69 -4.21 -16.62 -19.08
C PHE B 69 -5.29 -15.69 -18.56
N ALA B 70 -5.07 -14.38 -18.68
CA ALA B 70 -6.13 -13.40 -18.43
C ALA B 70 -7.33 -13.68 -19.34
N SER B 71 -7.05 -13.92 -20.62
CA SER B 71 -8.10 -14.21 -21.61
C SER B 71 -8.91 -15.45 -21.25
N ARG B 72 -8.22 -16.54 -20.92
N ARG B 72 -8.22 -16.55 -20.95
CA ARG B 72 -8.84 -17.81 -20.55
CA ARG B 72 -8.85 -17.80 -20.53
C ARG B 72 -9.84 -17.65 -19.40
C ARG B 72 -9.88 -17.54 -19.45
N VAL B 73 -9.41 -16.99 -18.33
CA VAL B 73 -10.24 -16.75 -17.15
C VAL B 73 -11.35 -15.74 -17.44
N ALA B 74 -10.99 -14.65 -18.12
CA ALA B 74 -11.95 -13.59 -18.43
C ALA B 74 -13.11 -14.12 -19.27
N GLU B 75 -12.78 -14.94 -20.27
CA GLU B 75 -13.78 -15.56 -21.14
C GLU B 75 -14.73 -16.45 -20.35
N MET B 76 -14.17 -17.22 -19.40
CA MET B 76 -14.99 -18.05 -18.52
C MET B 76 -15.99 -17.24 -17.69
N VAL B 77 -15.53 -16.10 -17.16
CA VAL B 77 -16.42 -15.20 -16.41
C VAL B 77 -17.47 -14.59 -17.34
N ALA B 78 -17.01 -14.07 -18.49
CA ALA B 78 -17.91 -13.45 -19.47
C ALA B 78 -19.01 -14.41 -19.94
N ARG B 79 -18.64 -15.68 -20.18
N ARG B 79 -18.67 -15.67 -20.17
CA ARG B 79 -19.55 -16.75 -20.61
CA ARG B 79 -19.63 -16.64 -20.65
C ARG B 79 -20.54 -17.18 -19.55
C ARG B 79 -20.37 -17.37 -19.51
N LYS B 80 -20.27 -16.80 -18.31
CA LYS B 80 -21.03 -17.25 -17.11
C LYS B 80 -20.73 -18.71 -16.75
N GLU B 81 -19.53 -19.15 -17.13
CA GLU B 81 -19.05 -20.50 -16.85
C GLU B 81 -18.62 -20.61 -15.39
N VAL B 82 -18.08 -19.51 -14.87
CA VAL B 82 -17.72 -19.40 -13.46
C VAL B 82 -18.20 -18.03 -13.00
N GLU B 83 -18.49 -17.89 -11.71
CA GLU B 83 -18.95 -16.60 -11.18
C GLU B 83 -17.80 -15.59 -11.09
N PHE B 84 -16.63 -16.07 -10.68
CA PHE B 84 -15.49 -15.20 -10.36
C PHE B 84 -14.21 -15.65 -11.02
N GLY B 85 -13.28 -14.71 -11.16
CA GLY B 85 -11.91 -15.01 -11.57
C GLY B 85 -10.90 -14.45 -10.57
N VAL B 86 -9.77 -15.13 -10.45
CA VAL B 86 -8.62 -14.64 -9.70
C VAL B 86 -7.44 -14.68 -10.66
N LEU B 87 -6.81 -13.52 -10.88
CA LEU B 87 -5.64 -13.43 -11.74
C LEU B 87 -4.47 -12.80 -11.01
N ALA B 88 -3.31 -13.43 -11.13
CA ALA B 88 -2.10 -12.90 -10.53
C ALA B 88 -1.00 -12.81 -11.56
N CYS B 89 -0.32 -11.67 -11.62
CA CYS B 89 0.91 -11.57 -12.37
C CYS B 89 1.92 -10.88 -11.45
N GLY B 90 3.03 -10.38 -12.00
CA GLY B 90 4.03 -9.68 -11.18
C GLY B 90 3.44 -8.51 -10.40
N SER B 91 2.67 -7.68 -11.10
CA SER B 91 2.13 -6.45 -10.50
C SER B 91 0.60 -6.45 -10.43
N GLY B 92 -0.02 -7.38 -11.13
CA GLY B 92 -1.47 -7.40 -11.29
C GLY B 92 -1.95 -6.48 -12.40
N ILE B 93 -1.07 -5.59 -12.87
CA ILE B 93 -1.46 -4.57 -13.85
C ILE B 93 -1.82 -5.20 -15.20
N GLY B 94 -0.95 -6.09 -15.68
CA GLY B 94 -1.17 -6.77 -16.96
C GLY B 94 -2.47 -7.54 -16.98
N MET B 95 -2.70 -8.32 -15.93
CA MET B 95 -3.94 -9.07 -15.76
C MET B 95 -5.17 -8.17 -15.79
N SER B 96 -5.10 -7.04 -15.09
N SER B 96 -5.11 -7.05 -15.07
CA SER B 96 -6.24 -6.12 -15.02
CA SER B 96 -6.20 -6.09 -15.02
C SER B 96 -6.58 -5.46 -16.36
C SER B 96 -6.56 -5.55 -16.39
N ILE B 97 -5.55 -5.12 -17.13
CA ILE B 97 -5.75 -4.52 -18.46
C ILE B 97 -6.34 -5.56 -19.42
N ALA B 98 -5.68 -6.71 -19.53
CA ALA B 98 -6.09 -7.77 -20.46
C ALA B 98 -7.47 -8.32 -20.14
N ALA B 99 -7.72 -8.66 -18.88
CA ALA B 99 -9.05 -9.18 -18.49
C ALA B 99 -10.19 -8.20 -18.80
N ASN B 100 -9.96 -6.91 -18.55
CA ASN B 100 -10.99 -5.91 -18.80
C ASN B 100 -11.34 -5.70 -20.28
N LYS B 101 -10.47 -6.17 -21.16
CA LYS B 101 -10.72 -6.14 -22.62
C LYS B 101 -11.85 -7.08 -23.05
N VAL B 102 -12.23 -8.00 -22.17
CA VAL B 102 -13.34 -8.92 -22.44
C VAL B 102 -14.66 -8.31 -21.96
N PRO B 103 -15.62 -8.14 -22.89
CA PRO B 103 -16.92 -7.59 -22.52
C PRO B 103 -17.59 -8.42 -21.43
N GLY B 104 -18.16 -7.75 -20.44
CA GLY B 104 -18.81 -8.41 -19.32
C GLY B 104 -17.90 -8.55 -18.10
N VAL B 105 -16.61 -8.36 -18.32
CA VAL B 105 -15.64 -8.49 -17.24
C VAL B 105 -15.44 -7.14 -16.53
N ARG B 106 -15.40 -7.20 -15.20
CA ARG B 106 -15.02 -6.05 -14.40
C ARG B 106 -13.89 -6.52 -13.50
N ALA B 107 -12.66 -6.33 -13.97
CA ALA B 107 -11.47 -6.82 -13.28
C ALA B 107 -10.87 -5.73 -12.40
N ALA B 108 -10.72 -6.02 -11.12
CA ALA B 108 -10.23 -5.04 -10.14
C ALA B 108 -8.84 -5.41 -9.62
N LEU B 109 -7.86 -4.57 -9.93
CA LEU B 109 -6.54 -4.71 -9.33
C LEU B 109 -6.60 -4.21 -7.89
N CYS B 110 -6.45 -5.14 -6.96
CA CYS B 110 -6.54 -4.85 -5.52
C CYS B 110 -5.20 -5.04 -4.84
N HIS B 111 -4.90 -4.16 -3.89
CA HIS B 111 -3.61 -4.20 -3.17
C HIS B 111 -3.80 -4.29 -1.66
N ASP B 112 -5.06 -4.31 -1.22
CA ASP B 112 -5.39 -4.40 0.20
C ASP B 112 -6.84 -4.84 0.41
N HIS B 113 -7.22 -4.98 1.68
CA HIS B 113 -8.57 -5.35 2.08
C HIS B 113 -9.58 -4.33 1.58
N TYR B 114 -9.26 -3.04 1.69
CA TYR B 114 -10.19 -1.99 1.31
C TYR B 114 -10.53 -2.04 -0.17
N THR B 115 -9.51 -2.11 -1.02
CA THR B 115 -9.77 -2.20 -2.47
C THR B 115 -10.52 -3.48 -2.83
N ALA B 116 -10.14 -4.60 -2.20
CA ALA B 116 -10.88 -5.86 -2.40
C ALA B 116 -12.38 -5.71 -2.10
N ALA B 117 -12.69 -5.13 -0.93
CA ALA B 117 -14.08 -4.94 -0.52
C ALA B 117 -14.82 -3.99 -1.45
N MET B 118 -14.22 -2.83 -1.70
CA MET B 118 -14.89 -1.80 -2.49
C MET B 118 -15.10 -2.20 -3.96
N SER B 119 -14.18 -3.01 -4.50
CA SER B 119 -14.34 -3.55 -5.85
C SER B 119 -15.65 -4.32 -5.99
N ARG B 120 -16.07 -4.97 -4.91
CA ARG B 120 -17.31 -5.72 -4.87
C ARG B 120 -18.50 -4.80 -4.58
N ILE B 121 -18.40 -4.05 -3.48
CA ILE B 121 -19.48 -3.20 -2.98
C ILE B 121 -19.89 -2.17 -4.03
N HIS B 122 -18.92 -1.50 -4.63
CA HIS B 122 -19.17 -0.44 -5.61
C HIS B 122 -19.14 -0.89 -7.07
N ASN B 123 -18.16 -1.71 -7.44
CA ASN B 123 -17.96 -2.03 -8.85
C ASN B 123 -18.57 -3.36 -9.26
N ASP B 124 -19.13 -4.10 -8.30
CA ASP B 124 -19.56 -5.49 -8.52
C ASP B 124 -18.54 -6.25 -9.37
N ALA B 125 -17.27 -6.15 -8.98
CA ALA B 125 -16.20 -6.75 -9.76
C ALA B 125 -16.32 -8.28 -9.77
N ASN B 126 -16.03 -8.89 -10.92
CA ASN B 126 -16.09 -10.34 -11.03
C ASN B 126 -14.71 -11.01 -11.18
N ILE B 127 -13.68 -10.20 -11.36
CA ILE B 127 -12.31 -10.70 -11.36
C ILE B 127 -11.44 -9.85 -10.44
N VAL B 128 -10.69 -10.52 -9.57
CA VAL B 128 -9.71 -9.85 -8.72
C VAL B 128 -8.30 -10.11 -9.27
N CYS B 129 -7.53 -9.04 -9.40
CA CYS B 129 -6.17 -9.12 -9.88
C CYS B 129 -5.22 -8.71 -8.77
N VAL B 130 -4.13 -9.46 -8.62
CA VAL B 130 -3.12 -9.17 -7.61
C VAL B 130 -1.71 -9.32 -8.18
N GLY B 131 -0.77 -8.63 -7.55
CA GLY B 131 0.62 -8.68 -7.96
C GLY B 131 1.43 -9.52 -7.00
N GLU B 132 1.99 -10.62 -7.49
CA GLU B 132 2.82 -11.51 -6.68
C GLU B 132 4.14 -10.86 -6.23
N ARG B 133 4.66 -9.95 -7.04
CA ARG B 133 5.91 -9.23 -6.75
C ARG B 133 5.70 -8.00 -5.89
N THR B 134 4.46 -7.55 -5.78
CA THR B 134 4.14 -6.30 -5.07
C THR B 134 3.47 -6.49 -3.73
N THR B 135 2.61 -7.51 -3.62
CA THR B 135 1.76 -7.71 -2.46
C THR B 135 2.10 -9.03 -1.78
N GLY B 136 2.40 -8.96 -0.47
CA GLY B 136 2.75 -10.15 0.30
C GLY B 136 1.63 -11.18 0.30
N VAL B 137 1.96 -12.46 0.49
CA VAL B 137 0.97 -13.52 0.28
C VAL B 137 -0.18 -13.48 1.28
N GLU B 138 0.08 -13.04 2.52
CA GLU B 138 -0.98 -12.99 3.52
C GLU B 138 -1.98 -11.87 3.20
N VAL B 139 -1.50 -10.82 2.54
CA VAL B 139 -2.37 -9.76 2.06
C VAL B 139 -3.14 -10.23 0.82
N ILE B 140 -2.48 -10.98 -0.06
CA ILE B 140 -3.17 -11.62 -1.19
C ILE B 140 -4.29 -12.54 -0.67
N ARG B 141 -3.98 -13.33 0.37
CA ARG B 141 -5.00 -14.16 1.01
C ARG B 141 -6.21 -13.34 1.46
N GLU B 142 -5.94 -12.26 2.17
CA GLU B 142 -6.97 -11.36 2.66
C GLU B 142 -7.79 -10.79 1.51
N ILE B 143 -7.11 -10.37 0.44
CA ILE B 143 -7.77 -9.81 -0.74
C ILE B 143 -8.77 -10.82 -1.34
N ILE B 144 -8.30 -12.06 -1.54
CA ILE B 144 -9.12 -13.08 -2.19
C ILE B 144 -10.34 -13.44 -1.34
N ILE B 145 -10.13 -13.68 -0.06
CA ILE B 145 -11.21 -14.00 0.87
C ILE B 145 -12.23 -12.85 0.91
N THR B 146 -11.72 -11.62 1.06
CA THR B 146 -12.58 -10.43 1.08
C THR B 146 -13.37 -10.23 -0.22
N PHE B 147 -12.69 -10.38 -1.35
CA PHE B 147 -13.31 -10.26 -2.66
C PHE B 147 -14.49 -11.23 -2.81
N LEU B 148 -14.24 -12.49 -2.49
CA LEU B 148 -15.25 -13.54 -2.66
C LEU B 148 -16.40 -13.43 -1.65
N GLN B 149 -16.09 -13.06 -0.41
CA GLN B 149 -17.13 -12.94 0.64
C GLN B 149 -17.96 -11.65 0.60
N THR B 150 -17.40 -10.58 0.07
CA THR B 150 -18.07 -9.28 0.12
C THR B 150 -19.09 -9.17 -1.02
N PRO B 151 -20.37 -8.91 -0.67
CA PRO B 151 -21.38 -8.79 -1.71
C PRO B 151 -21.44 -7.40 -2.34
N PHE B 152 -22.00 -7.34 -3.54
CA PHE B 152 -22.31 -6.09 -4.22
C PHE B 152 -23.42 -5.39 -3.46
N SER B 153 -23.32 -4.07 -3.34
CA SER B 153 -24.29 -3.31 -2.57
C SER B 153 -25.67 -3.27 -3.24
N GLY B 154 -25.67 -3.35 -4.57
CA GLY B 154 -26.90 -3.25 -5.35
C GLY B 154 -27.48 -1.85 -5.40
N GLU B 155 -26.78 -0.87 -4.85
CA GLU B 155 -27.25 0.52 -4.82
C GLU B 155 -27.45 1.09 -6.21
N GLU B 156 -28.51 1.89 -6.33
CA GLU B 156 -28.94 2.49 -7.59
C GLU B 156 -27.80 3.14 -8.39
N ARG B 157 -27.02 4.00 -7.74
CA ARG B 157 -25.94 4.73 -8.42
C ARG B 157 -24.87 3.80 -8.98
N HIS B 158 -24.53 2.75 -8.23
CA HIS B 158 -23.52 1.79 -8.67
C HIS B 158 -24.01 0.97 -9.85
N VAL B 159 -25.26 0.53 -9.77
CA VAL B 159 -25.90 -0.19 -10.88
C VAL B 159 -25.85 0.65 -12.17
N ARG B 160 -26.22 1.93 -12.04
CA ARG B 160 -26.20 2.88 -13.16
C ARG B 160 -24.80 3.03 -13.77
N ARG B 161 -23.80 3.18 -12.90
CA ARG B 161 -22.42 3.32 -13.35
C ARG B 161 -21.90 2.05 -14.03
N ILE B 162 -22.22 0.90 -13.45
CA ILE B 162 -21.88 -0.39 -14.05
C ILE B 162 -22.51 -0.53 -15.45
N GLU B 163 -23.76 -0.08 -15.58
CA GLU B 163 -24.44 -0.09 -16.87
C GLU B 163 -23.74 0.82 -17.90
N LYS B 164 -23.25 1.96 -17.45
CA LYS B 164 -22.48 2.85 -18.32
C LYS B 164 -21.19 2.22 -18.83
N ILE B 165 -20.55 1.38 -18.00
CA ILE B 165 -19.40 0.60 -18.45
C ILE B 165 -19.81 -0.34 -19.58
N ARG B 166 -20.94 -1.00 -19.39
CA ARG B 166 -21.50 -1.91 -20.39
C ARG B 166 -21.74 -1.16 -21.71
N ALA B 167 -22.27 0.07 -21.60
CA ALA B 167 -22.52 0.93 -22.74
C ALA B 167 -21.23 1.32 -23.48
N ILE B 168 -20.15 1.54 -22.74
CA ILE B 168 -18.83 1.78 -23.36
C ILE B 168 -18.42 0.56 -24.19
N GLU B 169 -18.60 -0.63 -23.63
CA GLU B 169 -18.35 -1.88 -24.37
C GLU B 169 -19.17 -1.92 -25.66
N ALA B 170 -20.46 -1.65 -25.53
CA ALA B 170 -21.40 -1.69 -26.65
C ALA B 170 -21.06 -0.69 -27.76
N SER B 171 -20.68 0.52 -27.36
CA SER B 171 -20.30 1.57 -28.32
C SER B 171 -19.04 1.21 -29.10
N HIS B 172 -18.30 0.21 -28.60
CA HIS B 172 -17.16 -0.34 -29.31
C HIS B 172 -17.44 -1.78 -29.70
N MET C 21 -16.55 1.07 31.78
CA MET C 21 -15.85 0.01 31.00
C MET C 21 -15.63 0.43 29.54
N THR C 22 -15.76 1.72 29.26
CA THR C 22 -15.43 2.24 27.93
C THR C 22 -13.91 2.38 27.80
N ARG C 23 -13.44 2.64 26.59
CA ARG C 23 -12.02 2.58 26.30
C ARG C 23 -11.57 3.91 25.69
N ARG C 24 -10.68 4.59 26.41
CA ARG C 24 -10.21 5.91 26.00
C ARG C 24 -9.13 5.80 24.94
N VAL C 25 -9.21 6.67 23.95
CA VAL C 25 -8.29 6.65 22.82
C VAL C 25 -7.76 8.06 22.61
N ALA C 26 -6.50 8.28 22.98
CA ALA C 26 -5.87 9.59 22.81
C ALA C 26 -5.47 9.75 21.35
N ILE C 27 -5.72 10.94 20.80
CA ILE C 27 -5.42 11.23 19.38
C ILE C 27 -4.44 12.40 19.29
N GLY C 28 -3.38 12.24 18.50
CA GLY C 28 -2.43 13.31 18.25
C GLY C 28 -2.04 13.38 16.80
N THR C 29 -1.73 14.57 16.32
CA THR C 29 -1.22 14.77 14.96
C THR C 29 -0.11 15.81 14.99
N ASP C 30 0.60 15.96 13.89
CA ASP C 30 1.33 17.20 13.65
C ASP C 30 0.57 18.00 12.59
N HIS C 31 1.24 18.93 11.93
CA HIS C 31 0.54 19.88 11.05
C HIS C 31 -0.11 19.30 9.77
N PRO C 32 0.59 18.44 8.99
CA PRO C 32 -0.11 17.93 7.81
C PRO C 32 -1.36 17.12 8.15
N ALA C 33 -1.31 16.37 9.25
CA ALA C 33 -2.40 15.51 9.67
C ALA C 33 -3.47 16.27 10.44
N PHE C 34 -3.19 17.53 10.78
CA PHE C 34 -4.21 18.37 11.42
C PHE C 34 -5.44 18.46 10.51
N ALA C 35 -5.19 18.49 9.20
CA ALA C 35 -6.24 18.49 8.18
C ALA C 35 -7.29 17.38 8.37
N ILE C 36 -6.86 16.25 8.92
CA ILE C 36 -7.75 15.11 9.11
C ILE C 36 -8.08 14.81 10.58
N HIS C 37 -7.82 15.77 11.49
CA HIS C 37 -8.00 15.49 12.92
C HIS C 37 -9.46 15.22 13.30
N GLU C 38 -10.39 15.91 12.63
CA GLU C 38 -11.81 15.61 12.81
C GLU C 38 -12.18 14.23 12.27
N ASN C 39 -11.59 13.85 11.15
CA ASN C 39 -11.74 12.49 10.61
C ASN C 39 -11.34 11.46 11.66
N LEU C 40 -10.17 11.66 12.27
CA LEU C 40 -9.62 10.71 13.22
C LEU C 40 -10.55 10.52 14.42
N ILE C 41 -11.05 11.64 14.93
CA ILE C 41 -12.02 11.62 16.04
C ILE C 41 -13.25 10.80 15.64
N LEU C 42 -13.80 11.09 14.46
CA LEU C 42 -14.97 10.38 13.94
C LEU C 42 -14.72 8.88 13.80
N TYR C 43 -13.56 8.50 13.27
CA TYR C 43 -13.27 7.08 13.01
C TYR C 43 -13.16 6.26 14.29
N VAL C 44 -12.62 6.88 15.35
CA VAL C 44 -12.57 6.26 16.67
C VAL C 44 -13.99 5.97 17.17
N LYS C 45 -14.88 6.95 17.06
CA LYS C 45 -16.28 6.79 17.45
C LYS C 45 -16.97 5.69 16.62
N GLU C 46 -16.64 5.63 15.34
CA GLU C 46 -17.19 4.63 14.43
C GLU C 46 -16.79 3.20 14.78
N ALA C 47 -15.67 3.04 15.49
CA ALA C 47 -15.21 1.72 15.92
C ALA C 47 -16.16 1.10 16.96
N GLY C 48 -16.95 1.94 17.61
CA GLY C 48 -17.93 1.47 18.60
C GLY C 48 -18.20 2.51 19.67
N ASP C 49 -19.38 2.45 20.27
CA ASP C 49 -19.76 3.39 21.32
C ASP C 49 -18.88 3.31 22.57
N GLU C 50 -18.19 2.18 22.74
CA GLU C 50 -17.28 1.99 23.87
C GLU C 50 -15.95 2.74 23.73
N PHE C 51 -15.67 3.29 22.54
CA PHE C 51 -14.42 4.01 22.32
C PHE C 51 -14.61 5.50 22.42
N VAL C 52 -13.86 6.13 23.32
CA VAL C 52 -13.96 7.56 23.58
C VAL C 52 -12.70 8.27 23.11
N PRO C 53 -12.83 9.11 22.07
CA PRO C 53 -11.66 9.86 21.61
C PRO C 53 -11.28 10.97 22.57
N VAL C 54 -9.98 11.11 22.81
CA VAL C 54 -9.44 12.20 23.61
C VAL C 54 -8.47 12.94 22.69
N TYR C 55 -8.88 14.08 22.15
CA TYR C 55 -8.02 14.80 21.21
C TYR C 55 -6.96 15.61 21.92
N CYS C 56 -5.70 15.37 21.53
N CYS C 56 -5.68 15.36 21.61
CA CYS C 56 -4.53 16.00 22.16
CA CYS C 56 -4.62 16.20 22.17
C CYS C 56 -3.61 16.67 21.15
C CYS C 56 -3.59 16.61 21.13
N GLY C 57 -4.06 16.79 19.90
CA GLY C 57 -3.23 17.33 18.83
C GLY C 57 -3.29 18.84 18.77
N PRO C 58 -2.72 19.43 17.71
CA PRO C 58 -2.69 20.88 17.59
C PRO C 58 -4.03 21.47 17.18
N LYS C 59 -4.15 22.80 17.26
CA LYS C 59 -5.40 23.51 16.99
C LYS C 59 -5.36 24.31 15.68
N THR C 60 -4.18 24.36 15.06
CA THR C 60 -4.01 25.00 13.75
C THR C 60 -3.17 24.10 12.85
N ALA C 61 -3.05 24.51 11.58
CA ALA C 61 -2.20 23.84 10.61
C ALA C 61 -0.77 24.40 10.59
N GLU C 62 -0.48 25.30 11.54
N GLU C 62 -0.49 25.30 11.53
CA GLU C 62 0.84 25.89 11.70
CA GLU C 62 0.85 25.89 11.65
C GLU C 62 1.87 24.80 11.98
C GLU C 62 1.87 24.82 11.98
N SER C 63 3.04 24.91 11.35
CA SER C 63 4.12 23.93 11.53
C SER C 63 4.42 23.65 13.00
N VAL C 64 4.40 22.37 13.37
CA VAL C 64 4.75 21.91 14.71
C VAL C 64 5.68 20.72 14.63
N ASP C 65 6.17 20.25 15.79
CA ASP C 65 7.12 19.14 15.81
C ASP C 65 6.43 17.86 16.29
N TYR C 66 6.32 16.88 15.39
CA TYR C 66 5.62 15.61 15.69
C TYR C 66 6.04 14.92 17.01
N PRO C 67 7.35 14.94 17.39
CA PRO C 67 7.69 14.27 18.65
C PRO C 67 6.96 14.82 19.88
N ASP C 68 6.65 16.12 19.88
CA ASP C 68 5.92 16.76 20.97
C ASP C 68 4.53 16.16 21.15
N PHE C 69 3.85 15.91 20.03
CA PHE C 69 2.52 15.34 20.06
C PHE C 69 2.52 13.81 20.22
N ALA C 70 3.51 13.16 19.62
CA ALA C 70 3.73 11.72 19.88
C ALA C 70 3.92 11.49 21.37
N SER C 71 4.79 12.30 21.98
CA SER C 71 5.08 12.20 23.40
C SER C 71 3.84 12.37 24.26
N ARG C 72 3.02 13.38 23.96
N ARG C 72 3.02 13.39 23.95
CA ARG C 72 1.80 13.63 24.74
CA ARG C 72 1.78 13.66 24.67
C ARG C 72 0.89 12.39 24.76
C ARG C 72 0.93 12.39 24.75
N VAL C 73 0.61 11.83 23.59
CA VAL C 73 -0.22 10.65 23.46
C VAL C 73 0.44 9.41 24.08
N ALA C 74 1.71 9.20 23.77
CA ALA C 74 2.46 8.05 24.27
C ALA C 74 2.52 8.01 25.78
N GLU C 75 2.77 9.17 26.40
CA GLU C 75 2.82 9.25 27.87
C GLU C 75 1.48 8.88 28.50
N MET C 76 0.39 9.32 27.89
CA MET C 76 -0.95 8.99 28.36
C MET C 76 -1.20 7.49 28.29
N VAL C 77 -0.76 6.86 27.20
CA VAL C 77 -0.88 5.41 27.04
C VAL C 77 -0.01 4.69 28.08
N ALA C 78 1.24 5.13 28.22
CA ALA C 78 2.18 4.53 29.15
C ALA C 78 1.71 4.62 30.60
N ARG C 79 1.14 5.78 30.98
N ARG C 79 1.15 5.78 30.97
CA ARG C 79 0.62 5.99 32.32
CA ARG C 79 0.61 6.02 32.32
C ARG C 79 -0.74 5.33 32.52
C ARG C 79 -0.73 5.32 32.53
N LYS C 80 -1.27 4.74 31.44
CA LYS C 80 -2.58 4.05 31.43
C LYS C 80 -3.76 5.00 31.66
N GLU C 81 -3.57 6.28 31.36
CA GLU C 81 -4.66 7.25 31.40
C GLU C 81 -5.67 6.94 30.29
N VAL C 82 -5.16 6.40 29.19
CA VAL C 82 -5.97 5.90 28.08
C VAL C 82 -5.52 4.49 27.72
N GLU C 83 -6.37 3.72 27.05
CA GLU C 83 -5.98 2.38 26.61
C GLU C 83 -5.21 2.40 25.29
N PHE C 84 -5.62 3.29 24.38
CA PHE C 84 -5.06 3.32 23.03
C PHE C 84 -4.65 4.74 22.64
N GLY C 85 -3.76 4.82 21.65
CA GLY C 85 -3.42 6.08 21.04
C GLY C 85 -3.59 5.97 19.54
N VAL C 86 -3.92 7.08 18.91
CA VAL C 86 -3.90 7.20 17.45
C VAL C 86 -3.01 8.39 17.15
N LEU C 87 -2.00 8.16 16.32
CA LEU C 87 -1.10 9.25 15.91
C LEU C 87 -1.01 9.34 14.41
N ALA C 88 -1.07 10.57 13.89
CA ALA C 88 -0.92 10.79 12.46
C ALA C 88 0.11 11.88 12.18
N CYS C 89 1.04 11.61 11.28
CA CYS C 89 1.90 12.65 10.74
C CYS C 89 1.87 12.49 9.22
N GLY C 90 2.81 13.11 8.51
CA GLY C 90 2.84 13.01 7.05
C GLY C 90 2.87 11.55 6.60
N SER C 91 3.75 10.76 7.19
CA SER C 91 4.01 9.39 6.75
C SER C 91 3.68 8.34 7.82
N GLY C 92 3.51 8.79 9.05
CA GLY C 92 3.36 7.90 10.20
C GLY C 92 4.68 7.48 10.81
N ILE C 93 5.78 7.69 10.07
CA ILE C 93 7.10 7.17 10.49
C ILE C 93 7.58 7.90 11.74
N GLY C 94 7.54 9.23 11.69
CA GLY C 94 7.95 10.04 12.83
C GLY C 94 7.19 9.70 14.11
N MET C 95 5.87 9.60 14.00
CA MET C 95 5.04 9.22 15.15
C MET C 95 5.40 7.85 15.70
N SER C 96 5.61 6.88 14.81
N SER C 96 5.58 6.87 14.81
CA SER C 96 5.95 5.51 15.24
CA SER C 96 5.97 5.52 15.21
C SER C 96 7.31 5.43 15.95
C SER C 96 7.27 5.53 16.01
N ILE C 97 8.28 6.22 15.48
CA ILE C 97 9.61 6.26 16.13
C ILE C 97 9.51 6.94 17.50
N ALA C 98 8.96 8.15 17.52
CA ALA C 98 8.86 8.93 18.75
C ALA C 98 8.03 8.24 19.83
N ALA C 99 6.87 7.70 19.45
CA ALA C 99 5.98 7.06 20.42
C ALA C 99 6.62 5.83 21.06
N ASN C 100 7.31 5.04 20.24
CA ASN C 100 7.99 3.84 20.73
C ASN C 100 9.13 4.12 21.70
N LYS C 101 9.58 5.38 21.76
CA LYS C 101 10.60 5.78 22.74
C LYS C 101 10.10 5.79 24.18
N VAL C 102 8.78 5.77 24.35
CA VAL C 102 8.18 5.78 25.68
C VAL C 102 7.99 4.33 26.15
N PRO C 103 8.59 3.96 27.29
CA PRO C 103 8.45 2.58 27.76
C PRO C 103 6.98 2.22 28.01
N GLY C 104 6.60 0.99 27.66
CA GLY C 104 5.21 0.55 27.80
C GLY C 104 4.41 0.75 26.52
N VAL C 105 4.92 1.56 25.61
CA VAL C 105 4.23 1.84 24.34
C VAL C 105 4.63 0.84 23.26
N ARG C 106 3.63 0.34 22.53
CA ARG C 106 3.87 -0.49 21.35
C ARG C 106 3.12 0.18 20.20
N ALA C 107 3.84 1.01 19.46
CA ALA C 107 3.25 1.85 18.41
C ALA C 107 3.48 1.20 17.05
N ALA C 108 2.38 0.93 16.34
CA ALA C 108 2.39 0.21 15.08
C ALA C 108 2.04 1.14 13.93
N LEU C 109 3.00 1.34 13.04
CA LEU C 109 2.74 2.07 11.79
C LEU C 109 2.00 1.15 10.83
N CYS C 110 0.74 1.48 10.57
CA CYS C 110 -0.13 0.64 9.74
C CYS C 110 -0.49 1.37 8.46
N HIS C 111 -0.60 0.62 7.36
CA HIS C 111 -0.91 1.19 6.05
C HIS C 111 -2.09 0.49 5.37
N ASP C 112 -2.65 -0.51 6.05
CA ASP C 112 -3.78 -1.25 5.52
C ASP C 112 -4.48 -2.01 6.64
N HIS C 113 -5.57 -2.69 6.29
CA HIS C 113 -6.35 -3.52 7.19
C HIS C 113 -5.52 -4.62 7.83
N TYR C 114 -4.69 -5.28 7.04
CA TYR C 114 -3.94 -6.43 7.52
C TYR C 114 -2.97 -6.03 8.62
N THR C 115 -2.18 -4.97 8.37
CA THR C 115 -1.23 -4.50 9.38
C THR C 115 -1.94 -4.03 10.65
N ALA C 116 -3.05 -3.30 10.47
CA ALA C 116 -3.88 -2.88 11.60
C ALA C 116 -4.31 -4.09 12.46
N ALA C 117 -4.86 -5.11 11.80
CA ALA C 117 -5.33 -6.31 12.51
C ALA C 117 -4.18 -7.04 13.22
N MET C 118 -3.09 -7.28 12.49
CA MET C 118 -1.96 -8.05 13.01
C MET C 118 -1.19 -7.34 14.11
N SER C 119 -1.15 -6.01 14.04
CA SER C 119 -0.54 -5.22 15.11
C SER C 119 -1.21 -5.53 16.46
N ARG C 120 -2.51 -5.82 16.44
CA ARG C 120 -3.24 -6.18 17.64
C ARG C 120 -3.10 -7.66 17.95
N ILE C 121 -3.37 -8.51 16.96
CA ILE C 121 -3.38 -9.97 17.14
C ILE C 121 -2.02 -10.45 17.63
N HIS C 122 -0.95 -9.98 16.99
CA HIS C 122 0.41 -10.41 17.32
C HIS C 122 1.17 -9.51 18.31
N ASN C 123 1.10 -8.20 18.11
CA ASN C 123 1.94 -7.29 18.89
C ASN C 123 1.25 -6.64 20.09
N ASP C 124 -0.05 -6.92 20.25
CA ASP C 124 -0.88 -6.22 21.24
C ASP C 124 -0.56 -4.72 21.23
N ALA C 125 -0.50 -4.14 20.04
CA ALA C 125 -0.13 -2.74 19.88
C ALA C 125 -1.12 -1.85 20.62
N ASN C 126 -0.62 -0.81 21.28
CA ASN C 126 -1.50 0.14 21.97
C ASN C 126 -1.60 1.50 21.29
N ILE C 127 -0.73 1.75 20.30
CA ILE C 127 -0.84 2.97 19.49
C ILE C 127 -0.78 2.63 18.02
N VAL C 128 -1.70 3.19 17.24
CA VAL C 128 -1.69 3.05 15.79
C VAL C 128 -1.21 4.35 15.18
N CYS C 129 -0.25 4.24 14.26
CA CYS C 129 0.29 5.40 13.57
C CYS C 129 -0.07 5.30 12.10
N VAL C 130 -0.45 6.43 11.52
CA VAL C 130 -0.80 6.50 10.10
C VAL C 130 -0.19 7.74 9.46
N GLY C 131 -0.06 7.70 8.13
CA GLY C 131 0.44 8.83 7.37
C GLY C 131 -0.64 9.51 6.55
N GLU C 132 -0.85 10.79 6.80
CA GLU C 132 -1.86 11.59 6.09
C GLU C 132 -1.51 11.85 4.62
N ARG C 133 -0.21 11.93 4.33
N ARG C 133 -0.21 11.93 4.33
CA ARG C 133 0.28 12.17 2.97
CA ARG C 133 0.26 12.17 2.96
C ARG C 133 0.41 10.88 2.16
C ARG C 133 0.41 10.88 2.15
N THR C 134 0.35 9.74 2.84
CA THR C 134 0.58 8.43 2.20
C THR C 134 -0.67 7.58 2.07
N THR C 135 -1.55 7.62 3.07
CA THR C 135 -2.70 6.73 3.14
C THR C 135 -3.99 7.54 3.04
N GLY C 136 -4.86 7.19 2.08
CA GLY C 136 -6.12 7.89 1.89
C GLY C 136 -7.01 7.75 3.11
N VAL C 137 -7.91 8.70 3.32
CA VAL C 137 -8.68 8.76 4.56
C VAL C 137 -9.59 7.55 4.82
N GLU C 138 -10.11 6.94 3.76
CA GLU C 138 -11.01 5.79 3.96
C GLU C 138 -10.22 4.54 4.38
N VAL C 139 -8.97 4.45 3.95
CA VAL C 139 -8.08 3.39 4.45
C VAL C 139 -7.65 3.70 5.89
N ILE C 140 -7.37 4.97 6.18
CA ILE C 140 -7.09 5.38 7.56
C ILE C 140 -8.27 5.02 8.47
N ARG C 141 -9.49 5.27 7.98
CA ARG C 141 -10.71 4.90 8.71
C ARG C 141 -10.73 3.40 9.01
N GLU C 142 -10.51 2.59 7.99
CA GLU C 142 -10.48 1.15 8.14
C GLU C 142 -9.38 0.69 9.10
N ILE C 143 -8.22 1.32 9.02
CA ILE C 143 -7.09 1.02 9.92
C ILE C 143 -7.50 1.28 11.38
N ILE C 144 -8.05 2.45 11.65
CA ILE C 144 -8.43 2.82 13.01
C ILE C 144 -9.49 1.88 13.58
N ILE C 145 -10.54 1.66 12.80
CA ILE C 145 -11.62 0.77 13.24
C ILE C 145 -11.10 -0.65 13.50
N THR C 146 -10.31 -1.18 12.56
CA THR C 146 -9.76 -2.53 12.70
C THR C 146 -8.84 -2.63 13.92
N PHE C 147 -7.97 -1.63 14.08
CA PHE C 147 -7.02 -1.59 15.20
C PHE C 147 -7.77 -1.64 16.53
N LEU C 148 -8.79 -0.80 16.67
CA LEU C 148 -9.56 -0.71 17.91
C LEU C 148 -10.39 -1.96 18.19
N GLN C 149 -10.96 -2.54 17.14
CA GLN C 149 -11.88 -3.67 17.30
C GLN C 149 -11.20 -5.04 17.47
N THR C 150 -9.97 -5.16 16.97
CA THR C 150 -9.30 -6.46 16.90
C THR C 150 -8.61 -6.79 18.23
N PRO C 151 -8.96 -7.93 18.85
CA PRO C 151 -8.33 -8.27 20.12
C PRO C 151 -6.96 -8.88 19.94
N PHE C 152 -6.15 -8.79 21.00
CA PHE C 152 -4.88 -9.50 21.09
C PHE C 152 -5.16 -10.99 21.26
N SER C 153 -4.40 -11.82 20.57
CA SER C 153 -4.64 -13.27 20.58
C SER C 153 -4.36 -13.92 21.95
N GLY C 154 -3.41 -13.36 22.70
CA GLY C 154 -3.03 -13.90 24.01
C GLY C 154 -2.20 -15.17 23.93
N GLU C 155 -1.80 -15.55 22.72
CA GLU C 155 -1.09 -16.80 22.50
C GLU C 155 0.34 -16.74 23.07
N GLU C 156 0.79 -17.88 23.56
CA GLU C 156 2.05 -17.99 24.31
C GLU C 156 3.24 -17.29 23.65
N ARG C 157 3.47 -17.57 22.37
CA ARG C 157 4.64 -17.02 21.66
C ARG C 157 4.60 -15.49 21.57
N HIS C 158 3.41 -14.92 21.38
CA HIS C 158 3.26 -13.46 21.29
C HIS C 158 3.52 -12.79 22.64
N VAL C 159 2.96 -13.38 23.70
CA VAL C 159 3.18 -12.91 25.06
C VAL C 159 4.69 -12.91 25.37
N ARG C 160 5.37 -14.00 25.03
CA ARG C 160 6.82 -14.09 25.24
C ARG C 160 7.58 -12.99 24.48
N ARG C 161 7.24 -12.79 23.21
CA ARG C 161 7.90 -11.77 22.38
C ARG C 161 7.64 -10.35 22.89
N ILE C 162 6.41 -10.07 23.29
CA ILE C 162 6.05 -8.78 23.88
C ILE C 162 6.86 -8.53 25.17
N GLU C 163 7.00 -9.57 25.98
CA GLU C 163 7.81 -9.49 27.19
C GLU C 163 9.27 -9.21 26.87
N LYS C 164 9.76 -9.77 25.77
CA LYS C 164 11.14 -9.50 25.32
C LYS C 164 11.33 -8.04 24.92
N ILE C 165 10.29 -7.43 24.34
CA ILE C 165 10.32 -5.99 24.05
C ILE C 165 10.47 -5.21 25.36
N ARG C 166 9.67 -5.58 26.37
CA ARG C 166 9.73 -4.96 27.69
C ARG C 166 11.12 -5.11 28.28
N ALA C 167 11.73 -6.28 28.09
CA ALA C 167 13.09 -6.54 28.58
C ALA C 167 14.12 -5.58 27.94
N ILE C 168 13.95 -5.33 26.65
CA ILE C 168 14.76 -4.34 25.93
C ILE C 168 14.62 -2.96 26.58
N GLU C 169 13.38 -2.56 26.87
CA GLU C 169 13.13 -1.30 27.58
C GLU C 169 13.83 -1.27 28.93
N ALA C 170 13.68 -2.35 29.69
CA ALA C 170 14.25 -2.45 31.03
C ALA C 170 15.77 -2.28 30.99
N SER C 171 16.42 -2.90 30.01
CA SER C 171 17.87 -2.85 29.88
C SER C 171 18.43 -1.43 29.62
N HIS C 172 17.57 -0.49 29.22
CA HIS C 172 17.98 0.89 28.92
C HIS C 172 17.45 1.95 29.89
N THR D 22 33.09 2.75 3.41
CA THR D 22 32.25 1.55 3.71
C THR D 22 31.04 1.97 4.54
N ARG D 23 29.87 1.53 4.11
CA ARG D 23 28.64 1.77 4.84
C ARG D 23 28.03 0.42 5.17
N ARG D 24 28.25 -0.01 6.41
CA ARG D 24 27.83 -1.35 6.85
C ARG D 24 26.33 -1.38 7.16
N VAL D 25 25.68 -2.48 6.79
CA VAL D 25 24.24 -2.63 6.96
C VAL D 25 23.97 -3.98 7.62
N ALA D 26 23.61 -3.95 8.91
CA ALA D 26 23.27 -5.16 9.64
C ALA D 26 21.86 -5.63 9.25
N ILE D 27 21.71 -6.93 8.98
CA ILE D 27 20.42 -7.50 8.57
C ILE D 27 19.91 -8.50 9.60
N GLY D 28 18.66 -8.35 10.01
CA GLY D 28 18.03 -9.29 10.93
C GLY D 28 16.65 -9.69 10.46
N THR D 29 16.28 -10.94 10.69
CA THR D 29 14.92 -11.39 10.43
C THR D 29 14.41 -12.28 11.56
N ASP D 30 13.13 -12.60 11.52
CA ASP D 30 12.64 -13.77 12.24
C ASP D 30 12.34 -14.87 11.23
N HIS D 31 11.53 -15.86 11.61
CA HIS D 31 11.32 -17.04 10.76
C HIS D 31 10.57 -16.84 9.42
N PRO D 32 9.45 -16.07 9.40
CA PRO D 32 8.83 -15.93 8.07
C PRO D 32 9.74 -15.25 7.06
N ALA D 33 10.61 -14.36 7.52
CA ALA D 33 11.47 -13.62 6.61
C ALA D 33 12.80 -14.32 6.33
N PHE D 34 13.03 -15.46 6.98
CA PHE D 34 14.26 -16.24 6.75
C PHE D 34 14.37 -16.64 5.28
N ALA D 35 13.26 -17.04 4.68
CA ALA D 35 13.22 -17.47 3.28
C ALA D 35 13.73 -16.39 2.32
N ILE D 36 13.62 -15.12 2.73
CA ILE D 36 14.13 -14.03 1.90
C ILE D 36 15.41 -13.36 2.43
N HIS D 37 16.10 -14.01 3.38
CA HIS D 37 17.29 -13.37 3.93
C HIS D 37 18.41 -13.18 2.89
N GLU D 38 18.52 -14.11 1.94
CA GLU D 38 19.50 -13.98 0.84
C GLU D 38 19.11 -12.83 -0.10
N ASN D 39 17.80 -12.65 -0.30
CA ASN D 39 17.27 -11.51 -1.05
C ASN D 39 17.75 -10.19 -0.42
N LEU D 40 17.57 -10.09 0.90
CA LEU D 40 17.91 -8.88 1.63
C LEU D 40 19.40 -8.52 1.49
N ILE D 41 20.25 -9.54 1.62
CA ILE D 41 21.69 -9.39 1.44
C ILE D 41 21.98 -8.84 0.04
N LEU D 42 21.35 -9.43 -0.97
CA LEU D 42 21.49 -9.01 -2.37
C LEU D 42 21.03 -7.57 -2.60
N TYR D 43 19.87 -7.22 -2.07
CA TYR D 43 19.32 -5.87 -2.27
C TYR D 43 20.19 -4.78 -1.66
N VAL D 44 20.75 -5.06 -0.47
CA VAL D 44 21.70 -4.16 0.17
C VAL D 44 22.90 -3.90 -0.76
N LYS D 45 23.50 -4.98 -1.28
CA LYS D 45 24.60 -4.88 -2.24
C LYS D 45 24.20 -4.10 -3.50
N GLU D 46 22.96 -4.29 -3.96
CA GLU D 46 22.45 -3.62 -5.16
C GLU D 46 22.40 -2.10 -5.03
N ALA D 47 22.31 -1.62 -3.79
CA ALA D 47 22.25 -0.18 -3.52
C ALA D 47 23.57 0.52 -3.87
N GLY D 48 24.65 -0.25 -3.91
CA GLY D 48 25.96 0.28 -4.27
C GLY D 48 27.08 -0.52 -3.65
N ASP D 49 28.25 -0.43 -4.26
CA ASP D 49 29.43 -1.18 -3.82
C ASP D 49 29.88 -0.82 -2.40
N GLU D 50 29.59 0.40 -1.98
CA GLU D 50 29.93 0.88 -0.64
C GLU D 50 29.08 0.24 0.47
N PHE D 51 27.94 -0.35 0.10
CA PHE D 51 27.03 -0.93 1.10
C PHE D 51 27.38 -2.39 1.37
N VAL D 52 27.72 -2.67 2.62
CA VAL D 52 28.20 -3.98 3.00
C VAL D 52 27.24 -4.63 3.98
N PRO D 53 26.56 -5.69 3.53
CA PRO D 53 25.63 -6.41 4.37
C PRO D 53 26.35 -7.22 5.44
N VAL D 54 25.86 -7.13 6.66
CA VAL D 54 26.35 -7.95 7.76
C VAL D 54 25.12 -8.72 8.24
N TYR D 55 25.03 -10.00 7.87
CA TYR D 55 23.86 -10.79 8.22
C TYR D 55 23.90 -11.25 9.67
N CYS D 56 22.86 -10.89 10.42
CA CYS D 56 22.79 -11.17 11.84
C CYS D 56 21.50 -11.93 12.18
N GLY D 57 20.82 -12.44 11.16
CA GLY D 57 19.57 -13.15 11.37
C GLY D 57 19.77 -14.62 11.68
N PRO D 58 18.67 -15.38 11.80
CA PRO D 58 18.72 -16.82 12.08
C PRO D 58 19.41 -17.63 10.98
N LYS D 59 19.93 -18.79 11.36
CA LYS D 59 20.65 -19.68 10.45
C LYS D 59 19.75 -20.75 9.84
N THR D 60 18.56 -20.91 10.42
CA THR D 60 17.61 -21.90 9.95
C THR D 60 16.20 -21.31 9.88
N ALA D 61 15.30 -22.06 9.25
CA ALA D 61 13.90 -21.66 9.10
C ALA D 61 13.07 -21.84 10.37
N GLU D 62 13.70 -22.38 11.41
CA GLU D 62 13.04 -22.62 12.69
C GLU D 62 12.49 -21.34 13.31
N SER D 63 11.33 -21.46 13.95
CA SER D 63 10.70 -20.32 14.64
C SER D 63 11.64 -19.68 15.66
N VAL D 64 11.70 -18.35 15.65
CA VAL D 64 12.49 -17.57 16.59
C VAL D 64 11.65 -16.36 17.04
N ASP D 65 12.18 -15.57 17.96
CA ASP D 65 11.48 -14.40 18.49
C ASP D 65 12.09 -13.12 17.91
N TYR D 66 11.30 -12.38 17.13
CA TYR D 66 11.79 -11.15 16.46
C TYR D 66 12.54 -10.13 17.37
N PRO D 67 12.10 -9.93 18.63
CA PRO D 67 12.82 -8.91 19.42
C PRO D 67 14.31 -9.22 19.63
N ASP D 68 14.67 -10.51 19.66
CA ASP D 68 16.05 -10.93 19.81
C ASP D 68 16.90 -10.46 18.63
N PHE D 69 16.33 -10.53 17.43
CA PHE D 69 17.05 -10.13 16.23
C PHE D 69 16.96 -8.64 15.95
N ALA D 70 15.81 -8.04 16.28
CA ALA D 70 15.69 -6.59 16.30
C ALA D 70 16.73 -5.99 17.24
N SER D 71 16.85 -6.57 18.45
CA SER D 71 17.80 -6.06 19.44
C SER D 71 19.25 -6.12 18.95
N ARG D 72 19.66 -7.26 18.41
N ARG D 72 19.65 -7.26 18.40
CA ARG D 72 21.01 -7.44 17.88
CA ARG D 72 20.99 -7.48 17.87
C ARG D 72 21.37 -6.35 16.88
C ARG D 72 21.38 -6.39 16.86
N VAL D 73 20.51 -6.18 15.86
CA VAL D 73 20.74 -5.17 14.81
C VAL D 73 20.69 -3.75 15.37
N ALA D 74 19.67 -3.46 16.18
CA ALA D 74 19.49 -2.14 16.75
C ALA D 74 20.67 -1.71 17.62
N GLU D 75 21.18 -2.65 18.44
CA GLU D 75 22.35 -2.37 19.29
C GLU D 75 23.58 -2.05 18.44
N MET D 76 23.78 -2.77 17.35
CA MET D 76 24.86 -2.51 16.40
C MET D 76 24.78 -1.11 15.80
N VAL D 77 23.57 -0.71 15.37
CA VAL D 77 23.35 0.64 14.88
C VAL D 77 23.59 1.70 15.97
N ALA D 78 23.02 1.47 17.17
CA ALA D 78 23.17 2.39 18.29
C ALA D 78 24.63 2.62 18.68
N ARG D 79 25.40 1.52 18.69
N ARG D 79 25.41 1.54 18.70
CA ARG D 79 26.83 1.51 19.05
CA ARG D 79 26.81 1.65 19.12
C ARG D 79 27.70 2.14 17.98
C ARG D 79 27.72 1.95 17.92
N LYS D 80 27.12 2.42 16.82
CA LYS D 80 27.83 2.90 15.64
C LYS D 80 28.73 1.83 15.00
N GLU D 81 28.37 0.57 15.24
CA GLU D 81 29.10 -0.58 14.71
C GLU D 81 28.79 -0.77 13.22
N VAL D 82 27.57 -0.40 12.85
CA VAL D 82 27.14 -0.36 11.44
C VAL D 82 26.38 0.96 11.27
N GLU D 83 26.28 1.46 10.04
CA GLU D 83 25.56 2.71 9.81
C GLU D 83 24.05 2.46 9.78
N PHE D 84 23.65 1.34 9.19
CA PHE D 84 22.23 1.06 8.94
C PHE D 84 21.85 -0.36 9.36
N GLY D 85 20.55 -0.54 9.59
CA GLY D 85 20.00 -1.86 9.79
C GLY D 85 18.84 -2.12 8.85
N VAL D 86 18.65 -3.39 8.52
CA VAL D 86 17.50 -3.88 7.75
C VAL D 86 16.86 -4.98 8.59
N LEU D 87 15.58 -4.83 8.92
CA LEU D 87 14.87 -5.82 9.71
C LEU D 87 13.61 -6.26 9.00
N ALA D 88 13.37 -7.57 8.96
CA ALA D 88 12.16 -8.10 8.36
C ALA D 88 11.50 -9.14 9.26
N CYS D 89 10.20 -8.99 9.46
CA CYS D 89 9.39 -9.99 10.12
C CYS D 89 8.14 -10.15 9.25
N GLY D 90 7.12 -10.85 9.73
CA GLY D 90 5.89 -11.03 8.93
C GLY D 90 5.30 -9.72 8.43
N SER D 91 5.14 -8.76 9.33
CA SER D 91 4.48 -7.49 9.00
C SER D 91 5.43 -6.29 9.04
N GLY D 92 6.59 -6.47 9.66
CA GLY D 92 7.51 -5.35 9.90
C GLY D 92 7.23 -4.63 11.21
N ILE D 93 6.04 -4.82 11.77
CA ILE D 93 5.60 -4.07 12.94
C ILE D 93 6.41 -4.40 14.18
N GLY D 94 6.56 -5.69 14.47
CA GLY D 94 7.33 -6.15 15.63
C GLY D 94 8.76 -5.65 15.59
N MET D 95 9.38 -5.74 14.42
CA MET D 95 10.74 -5.23 14.24
C MET D 95 10.83 -3.73 14.54
N SER D 96 9.87 -2.96 14.03
N SER D 96 9.87 -2.96 14.02
CA SER D 96 9.89 -1.50 14.23
CA SER D 96 9.82 -1.51 14.21
C SER D 96 9.70 -1.09 15.70
C SER D 96 9.73 -1.13 15.69
N ILE D 97 8.83 -1.79 16.41
CA ILE D 97 8.60 -1.52 17.83
C ILE D 97 9.85 -1.86 18.64
N ALA D 98 10.33 -3.09 18.49
CA ALA D 98 11.49 -3.56 19.27
C ALA D 98 12.77 -2.74 18.99
N ALA D 99 13.08 -2.51 17.71
CA ALA D 99 14.28 -1.73 17.36
C ALA D 99 14.25 -0.31 17.91
N ASN D 100 13.08 0.33 17.86
CA ASN D 100 12.95 1.69 18.39
C ASN D 100 13.14 1.81 19.90
N LYS D 101 13.10 0.69 20.61
CA LYS D 101 13.35 0.69 22.07
C LYS D 101 14.81 0.93 22.42
N VAL D 102 15.69 0.82 21.42
CA VAL D 102 17.12 1.07 21.63
C VAL D 102 17.44 2.55 21.38
N PRO D 103 17.98 3.24 22.40
CA PRO D 103 18.33 4.66 22.27
C PRO D 103 19.26 4.89 21.08
N GLY D 104 18.98 5.93 20.30
CA GLY D 104 19.79 6.25 19.11
C GLY D 104 19.26 5.63 17.82
N VAL D 105 18.33 4.69 17.95
CA VAL D 105 17.74 4.04 16.79
C VAL D 105 16.52 4.83 16.29
N ARG D 106 16.42 4.97 14.98
CA ARG D 106 15.25 5.54 14.36
C ARG D 106 14.84 4.53 13.29
N ALA D 107 13.95 3.61 13.68
CA ALA D 107 13.55 2.50 12.83
C ALA D 107 12.23 2.81 12.14
N ALA D 108 12.27 2.77 10.81
CA ALA D 108 11.13 3.16 9.98
C ALA D 108 10.52 1.96 9.27
N LEU D 109 9.28 1.65 9.63
CA LEU D 109 8.53 0.62 8.92
C LEU D 109 8.03 1.19 7.60
N CYS D 110 8.58 0.67 6.50
CA CYS D 110 8.29 1.17 5.17
C CYS D 110 7.53 0.13 4.35
N HIS D 111 6.61 0.60 3.50
CA HIS D 111 5.78 -0.29 2.68
C HIS D 111 5.83 0.08 1.20
N ASP D 112 6.59 1.13 0.88
CA ASP D 112 6.74 1.59 -0.50
C ASP D 112 7.96 2.50 -0.65
N HIS D 113 8.19 2.96 -1.88
CA HIS D 113 9.30 3.85 -2.23
C HIS D 113 9.21 5.19 -1.49
N TYR D 114 7.99 5.72 -1.40
CA TYR D 114 7.80 7.02 -0.76
C TYR D 114 8.19 6.97 0.71
N THR D 115 7.66 5.99 1.45
CA THR D 115 8.02 5.86 2.86
C THR D 115 9.51 5.61 3.05
N ALA D 116 10.10 4.76 2.21
CA ALA D 116 11.56 4.54 2.26
C ALA D 116 12.34 5.85 2.09
N ALA D 117 12.02 6.60 1.03
CA ALA D 117 12.70 7.88 0.77
C ALA D 117 12.50 8.88 1.92
N MET D 118 11.25 9.06 2.33
CA MET D 118 10.96 10.09 3.34
C MET D 118 11.51 9.75 4.72
N SER D 119 11.59 8.46 5.06
CA SER D 119 12.21 8.04 6.33
C SER D 119 13.65 8.56 6.43
N ARG D 120 14.31 8.64 5.29
CA ARG D 120 15.68 9.18 5.23
C ARG D 120 15.66 10.72 5.18
N ILE D 121 14.93 11.27 4.21
CA ILE D 121 14.91 12.72 3.98
C ILE D 121 14.45 13.49 5.22
N HIS D 122 13.38 13.02 5.85
CA HIS D 122 12.81 13.71 7.00
C HIS D 122 13.28 13.17 8.34
N ASN D 123 13.31 11.84 8.49
CA ASN D 123 13.55 11.25 9.80
C ASN D 123 15.00 10.84 10.06
N ASP D 124 15.85 10.96 9.04
CA ASP D 124 17.21 10.41 9.07
C ASP D 124 17.20 9.00 9.67
N ALA D 125 16.27 8.17 9.22
CA ALA D 125 16.10 6.83 9.79
C ALA D 125 17.39 6.02 9.58
N ASN D 126 17.75 5.20 10.56
CA ASN D 126 18.93 4.36 10.44
C ASN D 126 18.61 2.87 10.33
N ILE D 127 17.35 2.51 10.58
CA ILE D 127 16.87 1.14 10.35
C ILE D 127 15.59 1.14 9.51
N VAL D 128 15.57 0.29 8.48
CA VAL D 128 14.37 0.08 7.68
C VAL D 128 13.74 -1.26 8.07
N CYS D 129 12.43 -1.25 8.33
CA CYS D 129 11.73 -2.48 8.67
C CYS D 129 10.74 -2.77 7.55
N VAL D 130 10.61 -4.04 7.20
CA VAL D 130 9.67 -4.48 6.17
C VAL D 130 8.94 -5.74 6.59
N GLY D 131 7.76 -5.96 6.00
CA GLY D 131 6.97 -7.15 6.25
C GLY D 131 7.04 -8.11 5.08
N GLU D 132 7.59 -9.30 5.33
CA GLU D 132 7.69 -10.35 4.31
C GLU D 132 6.32 -10.89 3.87
N ARG D 133 5.36 -10.91 4.79
CA ARG D 133 4.02 -11.43 4.51
C ARG D 133 3.09 -10.36 3.93
N THR D 134 3.55 -9.10 3.98
CA THR D 134 2.72 -7.97 3.55
C THR D 134 3.18 -7.30 2.25
N THR D 135 4.50 -7.23 2.08
CA THR D 135 5.08 -6.49 0.97
C THR D 135 5.83 -7.45 0.06
N GLY D 136 5.51 -7.40 -1.24
CA GLY D 136 6.13 -8.28 -2.22
C GLY D 136 7.62 -8.01 -2.33
N VAL D 137 8.38 -9.01 -2.75
CA VAL D 137 9.84 -8.91 -2.65
C VAL D 137 10.43 -7.81 -3.52
N GLU D 138 9.82 -7.53 -4.68
CA GLU D 138 10.34 -6.49 -5.57
C GLU D 138 10.14 -5.10 -5.00
N VAL D 139 9.08 -4.94 -4.21
CA VAL D 139 8.88 -3.69 -3.50
C VAL D 139 9.83 -3.60 -2.30
N ILE D 140 10.04 -4.71 -1.60
CA ILE D 140 11.07 -4.76 -0.55
C ILE D 140 12.44 -4.36 -1.13
N ARG D 141 12.75 -4.89 -2.32
CA ARG D 141 13.98 -4.52 -3.01
C ARG D 141 14.05 -3.01 -3.22
N GLU D 142 12.99 -2.44 -3.79
CA GLU D 142 12.91 -1.01 -4.01
C GLU D 142 13.07 -0.23 -2.71
N ILE D 143 12.40 -0.69 -1.65
CA ILE D 143 12.47 -0.05 -0.33
C ILE D 143 13.91 0.02 0.19
N ILE D 144 14.58 -1.13 0.18
CA ILE D 144 15.94 -1.21 0.72
C ILE D 144 16.90 -0.32 -0.06
N ILE D 145 16.88 -0.43 -1.39
CA ILE D 145 17.75 0.39 -2.24
C ILE D 145 17.49 1.88 -2.03
N THR D 146 16.21 2.27 -2.04
CA THR D 146 15.83 3.67 -1.83
C THR D 146 16.27 4.17 -0.46
N PHE D 147 16.05 3.36 0.57
CA PHE D 147 16.43 3.70 1.94
C PHE D 147 17.95 3.98 2.02
N LEU D 148 18.74 3.07 1.46
CA LEU D 148 20.20 3.19 1.56
C LEU D 148 20.74 4.37 0.74
N GLN D 149 20.18 4.56 -0.44
CA GLN D 149 20.68 5.60 -1.36
C GLN D 149 20.21 7.03 -1.05
N THR D 150 19.07 7.17 -0.36
CA THR D 150 18.49 8.48 -0.17
C THR D 150 19.12 9.20 1.03
N PRO D 151 19.69 10.40 0.79
CA PRO D 151 20.32 11.13 1.90
C PRO D 151 19.30 11.86 2.78
N PHE D 152 19.70 12.10 4.02
CA PHE D 152 18.97 12.96 4.95
C PHE D 152 19.07 14.40 4.47
N SER D 153 17.99 15.17 4.55
CA SER D 153 17.99 16.54 4.04
C SER D 153 18.88 17.49 4.84
N GLY D 154 19.02 17.22 6.14
CA GLY D 154 19.81 18.08 7.03
C GLY D 154 19.11 19.39 7.36
N GLU D 155 17.84 19.47 6.96
CA GLU D 155 17.03 20.67 7.15
C GLU D 155 16.80 20.97 8.62
N GLU D 156 16.81 22.26 8.93
CA GLU D 156 16.69 22.73 10.31
C GLU D 156 15.57 22.07 11.10
N ARG D 157 14.36 22.08 10.54
CA ARG D 157 13.19 21.54 11.25
C ARG D 157 13.32 20.04 11.52
N HIS D 158 13.87 19.30 10.57
CA HIS D 158 14.06 17.85 10.73
C HIS D 158 15.08 17.54 11.79
N VAL D 159 16.19 18.28 11.78
CA VAL D 159 17.22 18.13 12.81
C VAL D 159 16.65 18.42 14.19
N ARG D 160 15.85 19.48 14.30
CA ARG D 160 15.21 19.82 15.57
C ARG D 160 14.32 18.69 16.08
N ARG D 161 13.50 18.12 15.19
CA ARG D 161 12.57 17.06 15.55
C ARG D 161 13.30 15.78 15.97
N ILE D 162 14.36 15.44 15.25
CA ILE D 162 15.19 14.28 15.59
C ILE D 162 15.83 14.45 16.98
N GLU D 163 16.29 15.66 17.27
CA GLU D 163 16.82 15.96 18.60
C GLU D 163 15.74 15.82 19.68
N LYS D 164 14.51 16.23 19.37
CA LYS D 164 13.39 16.02 20.30
C LYS D 164 13.14 14.53 20.57
N ILE D 165 13.34 13.69 19.56
CA ILE D 165 13.25 12.24 19.76
C ILE D 165 14.32 11.77 20.76
N ARG D 166 15.53 12.27 20.60
CA ARG D 166 16.64 12.03 21.53
C ARG D 166 16.29 12.47 22.96
N ALA D 167 15.61 13.61 23.08
CA ALA D 167 15.18 14.14 24.38
C ALA D 167 14.15 13.23 25.06
N ILE D 168 13.25 12.64 24.28
CA ILE D 168 12.30 11.65 24.81
C ILE D 168 13.08 10.46 25.40
N GLU D 169 14.04 9.95 24.64
CA GLU D 169 14.92 8.88 25.12
C GLU D 169 15.60 9.26 26.43
N ALA D 170 16.23 10.44 26.43
CA ALA D 170 16.92 10.94 27.63
C ALA D 170 16.01 11.05 28.85
N SER D 171 14.79 11.56 28.64
CA SER D 171 13.82 11.71 29.74
C SER D 171 13.43 10.38 30.38
N HIS D 172 13.64 9.29 29.66
CA HIS D 172 13.33 7.96 30.18
C HIS D 172 14.56 7.13 30.51
C1 R5P E . -15.30 3.82 -8.27
O1 R5P E . -14.55 2.86 -8.42
C2 R5P E . -14.90 4.95 -7.34
O2 R5P E . -14.32 4.43 -6.13
C3 R5P E . -16.04 5.93 -7.05
O3 R5P E . -15.42 7.20 -6.74
C4 R5P E . -16.95 5.54 -5.88
O4 R5P E . -17.74 4.39 -6.21
C5 R5P E . -17.93 6.68 -5.55
O5 R5P E . -18.78 6.28 -4.46
P R5P E . -19.91 7.28 -3.91
O1P R5P E . -20.43 6.57 -2.68
O2P R5P E . -19.20 8.58 -3.64
O3P R5P E . -20.91 7.37 -5.05
C1 R5P F . 2.62 -7.86 -16.13
O1 R5P F . 1.91 -6.91 -15.81
C2 R5P F . 3.22 -8.72 -15.04
O2 R5P F . 3.76 -7.90 -14.00
C3 R5P F . 4.24 -9.74 -15.55
O3 R5P F . 4.32 -10.79 -14.57
C4 R5P F . 5.65 -9.18 -15.78
O4 R5P F . 5.62 -8.19 -16.81
C5 R5P F . 6.63 -10.27 -16.18
O5 R5P F . 7.95 -9.74 -16.24
P R5P F . 9.18 -10.71 -16.68
O1P R5P F . 9.14 -11.81 -15.65
O2P R5P F . 10.41 -9.82 -16.61
O3P R5P F . 8.81 -11.18 -18.08
C1 R5P G . 7.41 12.81 10.07
O1 R5P G . 7.63 11.60 9.98
C2 R5P G . 6.17 13.38 9.40
O2 R5P G . 6.02 12.83 8.10
C3 R5P G . 6.07 14.91 9.35
O3 R5P G . 4.67 15.20 9.14
C4 R5P G . 6.86 15.58 8.22
O4 R5P G . 8.26 15.29 8.33
C5 R5P G . 6.69 17.10 8.23
O5 R5P G . 7.19 17.64 7.00
P R5P G . 7.15 19.23 6.73
O1P R5P G . 5.68 19.56 6.64
O2P R5P G . 7.91 19.39 5.42
O3P R5P G . 7.85 19.83 7.92
C1 R5P H . 5.69 -9.57 14.17
O1 R5P H . 5.44 -8.37 14.07
C2 R5P H . 5.88 -10.41 12.92
O2 R5P H . 4.75 -10.24 12.04
C3 R5P H . 6.16 -11.89 13.20
O3 R5P H . 6.87 -12.39 12.06
C4 R5P H . 4.90 -12.74 13.44
O4 R5P H . 4.23 -12.34 14.66
C5 R5P H . 5.18 -14.23 13.53
O5 R5P H . 3.94 -14.94 13.62
P R5P H . 3.93 -16.55 13.80
O1P R5P H . 4.73 -17.09 12.62
O2P R5P H . 2.46 -16.91 13.75
O3P R5P H . 4.58 -16.79 15.15
#